data_5DSB
# 
_entry.id   5DSB 
# 
_audit_conform.dict_name       mmcif_pdbx.dic 
_audit_conform.dict_version    5.379 
_audit_conform.dict_location   http://mmcif.pdb.org/dictionaries/ascii/mmcif_pdbx.dic 
# 
loop_
_database_2.database_id 
_database_2.database_code 
_database_2.pdbx_database_accession 
_database_2.pdbx_DOI 
PDB   5DSB         pdb_00005dsb 10.2210/pdb5dsb/pdb 
WWPDB D_1000213698 ?            ?                   
# 
_pdbx_database_status.status_code                     REL 
_pdbx_database_status.status_code_sf                  REL 
_pdbx_database_status.status_code_mr                  ? 
_pdbx_database_status.entry_id                        5DSB 
_pdbx_database_status.recvd_initial_deposition_date   2015-09-17 
_pdbx_database_status.SG_entry                        N 
_pdbx_database_status.deposit_site                    RCSB 
_pdbx_database_status.process_site                    RCSB 
_pdbx_database_status.status_code_cs                  ? 
_pdbx_database_status.methods_development_category    ? 
_pdbx_database_status.pdb_format_compatible           Y 
_pdbx_database_status.status_code_nmr_data            ? 
# 
loop_
_audit_author.name 
_audit_author.pdbx_ordinal 
'Vander Zanden, C.M.' 1 
'Rowe, R.K.'          2 
'Broad, A.J.'         3 
'Ho, P.S.'            4 
# 
_citation.abstract                  ? 
_citation.abstract_id_CAS           ? 
_citation.book_id_ISBN              ? 
_citation.book_publisher            ? 
_citation.book_publisher_city       ? 
_citation.book_title                ? 
_citation.coordinate_linkage        ? 
_citation.country                   US 
_citation.database_id_Medline       ? 
_citation.details                   ? 
_citation.id                        primary 
_citation.journal_abbrev            Biochemistry 
_citation.journal_id_ASTM           BICHAW 
_citation.journal_id_CSD            0033 
_citation.journal_id_ISSN           1520-4995 
_citation.journal_full              ? 
_citation.journal_issue             ? 
_citation.journal_volume            55 
_citation.language                  ? 
_citation.page_first                5781 
_citation.page_last                 5789 
_citation.title                     'Effect of Hydroxymethylcytosine on the Structure and Stability of Holliday Junctions.' 
_citation.year                      2016 
_citation.database_id_CSD           ? 
_citation.pdbx_database_id_DOI      10.1021/acs.biochem.6b00801 
_citation.pdbx_database_id_PubMed   27653243 
_citation.unpublished_flag          ? 
# 
loop_
_citation_author.citation_id 
_citation_author.name 
_citation_author.ordinal 
_citation_author.identifier_ORCID 
primary 'Vander Zanden, C.M.' 1 ? 
primary 'Rowe, R.K.'          2 ? 
primary 'Broad, A.J.'         3 ? 
primary 'Robertson, A.B.'     4 ? 
primary 'Ho, P.S.'            5 ? 
# 
_cell.angle_alpha                  90.000 
_cell.angle_alpha_esd              ? 
_cell.angle_beta                   111.820 
_cell.angle_beta_esd               ? 
_cell.angle_gamma                  90.000 
_cell.angle_gamma_esd              ? 
_cell.entry_id                     5DSB 
_cell.details                      ? 
_cell.formula_units_Z              ? 
_cell.length_a                     66.073 
_cell.length_a_esd                 ? 
_cell.length_b                     24.768 
_cell.length_b_esd                 ? 
_cell.length_c                     38.061 
_cell.length_c_esd                 ? 
_cell.volume                       ? 
_cell.volume_esd                   ? 
_cell.Z_PDB                        8 
_cell.reciprocal_angle_alpha       ? 
_cell.reciprocal_angle_beta        ? 
_cell.reciprocal_angle_gamma       ? 
_cell.reciprocal_angle_alpha_esd   ? 
_cell.reciprocal_angle_beta_esd    ? 
_cell.reciprocal_angle_gamma_esd   ? 
_cell.reciprocal_length_a          ? 
_cell.reciprocal_length_b          ? 
_cell.reciprocal_length_c          ? 
_cell.reciprocal_length_a_esd      ? 
_cell.reciprocal_length_b_esd      ? 
_cell.reciprocal_length_c_esd      ? 
_cell.pdbx_unique_axis             ? 
# 
_symmetry.entry_id                         5DSB 
_symmetry.cell_setting                     ? 
_symmetry.Int_Tables_number                5 
_symmetry.space_group_name_Hall            ? 
_symmetry.space_group_name_H-M             'C 1 2 1' 
_symmetry.pdbx_full_space_group_name_H-M   ? 
# 
loop_
_entity.id 
_entity.type 
_entity.src_method 
_entity.pdbx_description 
_entity.formula_weight 
_entity.pdbx_number_of_molecules 
_entity.pdbx_ec 
_entity.pdbx_mutation 
_entity.pdbx_fragment 
_entity.details 
1 polymer     syn "5'-D(*CP*CP*GP*GP*CP*GP*5HCP*CP*GP*G)-3'" 3077.006 2  ? ? ? ? 
2 non-polymer syn 'CALCIUM ION'                              40.078   1  ? ? ? ? 
3 water       nat water                                      18.015   92 ? ? ? ? 
# 
_entity_poly.entity_id                      1 
_entity_poly.type                           polydeoxyribonucleotide 
_entity_poly.nstd_linkage                   no 
_entity_poly.nstd_monomer                   yes 
_entity_poly.pdbx_seq_one_letter_code       '(DC)(DC)(DG)(DG)(DC)(DG)(5HC)(DC)(DG)(DG)' 
_entity_poly.pdbx_seq_one_letter_code_can   CCGGCGXCGG 
_entity_poly.pdbx_strand_id                 A,B 
_entity_poly.pdbx_target_identifier         ? 
# 
loop_
_entity_poly_seq.entity_id 
_entity_poly_seq.num 
_entity_poly_seq.mon_id 
_entity_poly_seq.hetero 
1 1  DC  n 
1 2  DC  n 
1 3  DG  n 
1 4  DG  n 
1 5  DC  n 
1 6  DG  n 
1 7  5HC n 
1 8  DC  n 
1 9  DG  n 
1 10 DG  n 
# 
_pdbx_entity_src_syn.entity_id              1 
_pdbx_entity_src_syn.pdbx_src_id            1 
_pdbx_entity_src_syn.pdbx_alt_source_flag   sample 
_pdbx_entity_src_syn.pdbx_beg_seq_num       1 
_pdbx_entity_src_syn.pdbx_end_seq_num       10 
_pdbx_entity_src_syn.organism_scientific    'synthetic construct' 
_pdbx_entity_src_syn.organism_common_name   ? 
_pdbx_entity_src_syn.ncbi_taxonomy_id       32630 
_pdbx_entity_src_syn.details                synthetic 
# 
_struct_ref.id                         1 
_struct_ref.db_name                    PDB 
_struct_ref.db_code                    5DSB 
_struct_ref.pdbx_db_accession          5DSB 
_struct_ref.pdbx_db_isoform            ? 
_struct_ref.entity_id                  1 
_struct_ref.pdbx_seq_one_letter_code   ? 
_struct_ref.pdbx_align_begin           1 
# 
loop_
_struct_ref_seq.align_id 
_struct_ref_seq.ref_id 
_struct_ref_seq.pdbx_PDB_id_code 
_struct_ref_seq.pdbx_strand_id 
_struct_ref_seq.seq_align_beg 
_struct_ref_seq.pdbx_seq_align_beg_ins_code 
_struct_ref_seq.seq_align_end 
_struct_ref_seq.pdbx_seq_align_end_ins_code 
_struct_ref_seq.pdbx_db_accession 
_struct_ref_seq.db_align_beg 
_struct_ref_seq.pdbx_db_align_beg_ins_code 
_struct_ref_seq.db_align_end 
_struct_ref_seq.pdbx_db_align_end_ins_code 
_struct_ref_seq.pdbx_auth_seq_align_beg 
_struct_ref_seq.pdbx_auth_seq_align_end 
1 1 5DSB A 1 ? 10 ? 5DSB 1  ? 10 ? 1  10 
2 1 5DSB B 1 ? 10 ? 5DSB 11 ? 20 ? 11 20 
# 
loop_
_chem_comp.id 
_chem_comp.type 
_chem_comp.mon_nstd_flag 
_chem_comp.name 
_chem_comp.pdbx_synonyms 
_chem_comp.formula 
_chem_comp.formula_weight 
5HC 'DNA linking' n 
;2'-deoxy-5-(hydroxymethyl)cytidine 5'-(dihydrogen phosphate)
;
? 'C10 H16 N3 O8 P' 337.223 
CA  non-polymer   . 'CALCIUM ION'                                                  ? 'Ca 2'            40.078  
DC  'DNA linking' y "2'-DEOXYCYTIDINE-5'-MONOPHOSPHATE"                            ? 'C9 H14 N3 O7 P'  307.197 
DG  'DNA linking' y "2'-DEOXYGUANOSINE-5'-MONOPHOSPHATE"                           ? 'C10 H14 N5 O7 P' 347.221 
HOH non-polymer   . WATER                                                          ? 'H2 O'            18.015  
# 
_exptl.absorpt_coefficient_mu     ? 
_exptl.absorpt_correction_T_max   ? 
_exptl.absorpt_correction_T_min   ? 
_exptl.absorpt_correction_type    ? 
_exptl.absorpt_process_details    ? 
_exptl.entry_id                   5DSB 
_exptl.crystals_number            1 
_exptl.details                    ? 
_exptl.method                     'X-RAY DIFFRACTION' 
_exptl.method_details             ? 
# 
_exptl_crystal.colour                      ? 
_exptl_crystal.density_diffrn              ? 
_exptl_crystal.density_Matthews            2.35 
_exptl_crystal.density_method              ? 
_exptl_crystal.density_percent_sol         47.64 
_exptl_crystal.description                 ? 
_exptl_crystal.F_000                       ? 
_exptl_crystal.id                          1 
_exptl_crystal.preparation                 ? 
_exptl_crystal.size_max                    ? 
_exptl_crystal.size_mid                    ? 
_exptl_crystal.size_min                    ? 
_exptl_crystal.size_rad                    ? 
_exptl_crystal.colour_lustre               ? 
_exptl_crystal.colour_modifier             ? 
_exptl_crystal.colour_primary              ? 
_exptl_crystal.density_meas                ? 
_exptl_crystal.density_meas_esd            ? 
_exptl_crystal.density_meas_gt             ? 
_exptl_crystal.density_meas_lt             ? 
_exptl_crystal.density_meas_temp           ? 
_exptl_crystal.density_meas_temp_esd       ? 
_exptl_crystal.density_meas_temp_gt        ? 
_exptl_crystal.density_meas_temp_lt        ? 
_exptl_crystal.pdbx_crystal_image_url      ? 
_exptl_crystal.pdbx_crystal_image_format   ? 
_exptl_crystal.pdbx_mosaicity              ? 
_exptl_crystal.pdbx_mosaicity_esd          ? 
# 
_exptl_crystal_grow.apparatus       ? 
_exptl_crystal_grow.atmosphere      ? 
_exptl_crystal_grow.crystal_id      1 
_exptl_crystal_grow.details         ? 
_exptl_crystal_grow.method          'VAPOR DIFFUSION, SITTING DROP' 
_exptl_crystal_grow.method_ref      ? 
_exptl_crystal_grow.pH              7.0 
_exptl_crystal_grow.pressure        ? 
_exptl_crystal_grow.pressure_esd    ? 
_exptl_crystal_grow.seeding         ? 
_exptl_crystal_grow.seeding_ref     ? 
_exptl_crystal_grow.temp            292 
_exptl_crystal_grow.temp_details    ? 
_exptl_crystal_grow.temp_esd        ? 
_exptl_crystal_grow.time            ? 
_exptl_crystal_grow.pdbx_details    '0.78 mM DNA, 0.8 mM Spermine, 5 mM CaCl2, 25 mM sodium cacodylate' 
_exptl_crystal_grow.pdbx_pH_range   ? 
# 
_diffrn.ambient_environment    ? 
_diffrn.ambient_temp           100 
_diffrn.ambient_temp_details   ? 
_diffrn.ambient_temp_esd       ? 
_diffrn.crystal_id             1 
_diffrn.crystal_support        ? 
_diffrn.crystal_treatment      ? 
_diffrn.details                ? 
_diffrn.id                     1 
_diffrn.ambient_pressure       ? 
_diffrn.ambient_pressure_esd   ? 
_diffrn.ambient_pressure_gt    ? 
_diffrn.ambient_pressure_lt    ? 
_diffrn.ambient_temp_gt        ? 
_diffrn.ambient_temp_lt        ? 
# 
_diffrn_detector.details                      ? 
_diffrn_detector.detector                     PIXEL 
_diffrn_detector.diffrn_id                    1 
_diffrn_detector.type                         'DECTRIS PILATUS 200K' 
_diffrn_detector.area_resol_mean              ? 
_diffrn_detector.dtime                        ? 
_diffrn_detector.pdbx_frames_total            ? 
_diffrn_detector.pdbx_collection_time_total   ? 
_diffrn_detector.pdbx_collection_date         2015-01-28 
# 
_diffrn_radiation.collimation                      ? 
_diffrn_radiation.diffrn_id                        1 
_diffrn_radiation.filter_edge                      ? 
_diffrn_radiation.inhomogeneity                    ? 
_diffrn_radiation.monochromator                    'Rigaku collimator' 
_diffrn_radiation.polarisn_norm                    ? 
_diffrn_radiation.polarisn_ratio                   ? 
_diffrn_radiation.probe                            ? 
_diffrn_radiation.type                             ? 
_diffrn_radiation.xray_symbol                      ? 
_diffrn_radiation.wavelength_id                    1 
_diffrn_radiation.pdbx_monochromatic_or_laue_m_l   M 
_diffrn_radiation.pdbx_wavelength_list             ? 
_diffrn_radiation.pdbx_wavelength                  ? 
_diffrn_radiation.pdbx_diffrn_protocol             'SINGLE WAVELENGTH' 
_diffrn_radiation.pdbx_analyzer                    ? 
_diffrn_radiation.pdbx_scattering_type             x-ray 
# 
_diffrn_radiation_wavelength.id           1 
_diffrn_radiation_wavelength.wavelength   1.54 
_diffrn_radiation_wavelength.wt           1.0 
# 
_diffrn_source.current                     ? 
_diffrn_source.details                     ? 
_diffrn_source.diffrn_id                   1 
_diffrn_source.power                       ? 
_diffrn_source.size                        ? 
_diffrn_source.source                      'ROTATING ANODE' 
_diffrn_source.target                      ? 
_diffrn_source.type                        'RIGAKU MICROMAX-003' 
_diffrn_source.voltage                     ? 
_diffrn_source.take-off_angle              ? 
_diffrn_source.pdbx_wavelength_list        1.54 
_diffrn_source.pdbx_wavelength             ? 
_diffrn_source.pdbx_synchrotron_beamline   ? 
_diffrn_source.pdbx_synchrotron_site       ? 
# 
_reflns.B_iso_Wilson_estimate            19.520 
_reflns.entry_id                         5DSB 
_reflns.data_reduction_details           ? 
_reflns.data_reduction_method            ? 
_reflns.d_resolution_high                1.4959 
_reflns.d_resolution_low                 50.000 
_reflns.details                          ? 
_reflns.limit_h_max                      ? 
_reflns.limit_h_min                      ? 
_reflns.limit_k_max                      ? 
_reflns.limit_k_min                      ? 
_reflns.limit_l_max                      ? 
_reflns.limit_l_min                      ? 
_reflns.number_all                       ? 
_reflns.number_obs                       9346 
_reflns.observed_criterion               ? 
_reflns.observed_criterion_F_max         ? 
_reflns.observed_criterion_F_min         ? 
_reflns.observed_criterion_I_max         ? 
_reflns.observed_criterion_I_min         ? 
_reflns.observed_criterion_sigma_F       ? 
_reflns.observed_criterion_sigma_I       ? 
_reflns.percent_possible_obs             99.300 
_reflns.R_free_details                   ? 
_reflns.Rmerge_F_all                     ? 
_reflns.Rmerge_F_obs                     ? 
_reflns.Friedel_coverage                 ? 
_reflns.number_gt                        ? 
_reflns.threshold_expression             ? 
_reflns.pdbx_redundancy                  6.700 
_reflns.pdbx_Rmerge_I_obs                0.117 
_reflns.pdbx_Rmerge_I_all                ? 
_reflns.pdbx_Rsym_value                  ? 
_reflns.pdbx_netI_over_av_sigmaI         50.444 
_reflns.pdbx_netI_over_sigmaI            14.900 
_reflns.pdbx_res_netI_over_av_sigmaI_2   ? 
_reflns.pdbx_res_netI_over_sigmaI_2      ? 
_reflns.pdbx_chi_squared                 6.127 
_reflns.pdbx_scaling_rejects             ? 
_reflns.pdbx_d_res_high_opt              ? 
_reflns.pdbx_d_res_low_opt               ? 
_reflns.pdbx_d_res_opt_method            ? 
_reflns.phase_calculation_details        ? 
_reflns.pdbx_Rrim_I_all                  0.123 
_reflns.pdbx_Rpim_I_all                  0.036 
_reflns.pdbx_d_opt                       ? 
_reflns.pdbx_number_measured_all         62380 
_reflns.pdbx_diffrn_id                   1 
_reflns.pdbx_ordinal                     1 
_reflns.pdbx_CC_half                     ? 
_reflns.pdbx_R_split                     ? 
# 
loop_
_reflns_shell.d_res_high 
_reflns_shell.d_res_low 
_reflns_shell.meanI_over_sigI_all 
_reflns_shell.meanI_over_sigI_obs 
_reflns_shell.number_measured_all 
_reflns_shell.number_measured_obs 
_reflns_shell.number_possible 
_reflns_shell.number_unique_all 
_reflns_shell.number_unique_obs 
_reflns_shell.percent_possible_all 
_reflns_shell.percent_possible_obs 
_reflns_shell.Rmerge_F_all 
_reflns_shell.Rmerge_F_obs 
_reflns_shell.Rmerge_I_all 
_reflns_shell.Rmerge_I_obs 
_reflns_shell.meanI_over_sigI_gt 
_reflns_shell.meanI_over_uI_all 
_reflns_shell.meanI_over_uI_gt 
_reflns_shell.number_measured_gt 
_reflns_shell.number_unique_gt 
_reflns_shell.percent_possible_gt 
_reflns_shell.Rmerge_F_gt 
_reflns_shell.Rmerge_I_gt 
_reflns_shell.pdbx_redundancy 
_reflns_shell.pdbx_Rsym_value 
_reflns_shell.pdbx_chi_squared 
_reflns_shell.pdbx_netI_over_sigmaI_all 
_reflns_shell.pdbx_netI_over_sigmaI_obs 
_reflns_shell.pdbx_Rrim_I_all 
_reflns_shell.pdbx_Rpim_I_all 
_reflns_shell.pdbx_rejects 
_reflns_shell.pdbx_ordinal 
_reflns_shell.pdbx_diffrn_id 
_reflns_shell.pdbx_CC_half 
_reflns_shell.pdbx_R_split 
1.4959 1.530  ? ? ? ? ? 444 ? 94.300  ? ? ? ? 0.639 ? ? ? ? ? ? ? ? 2.200  ? 3.798  ? ? 0.802 0.478 0 1  1 0.318 ? 
1.530  1.550  ? ? ? ? ? 453 ? 96.800  ? ? ? ? 0.607 ? ? ? ? ? ? ? ? 2.400  ? 2.618  ? ? 0.759 0.448 0 2  1 0.720 ? 
1.550  1.580  ? ? ? ? ? 423 ? 97.500  ? ? ? ? 0.360 ? ? ? ? ? ? ? ? 2.500  ? 1.674  ? ? 0.450 0.264 0 3  1 0.901 ? 
1.580  1.620  ? ? ? ? ? 482 ? 98.000  ? ? ? ? 0.274 ? ? ? ? ? ? ? ? 2.700  ? 1.586  ? ? 0.340 0.197 0 4  1 0.969 ? 
1.620  1.650  ? ? ? ? ? 461 ? 99.600  ? ? ? ? 0.262 ? ? ? ? ? ? ? ? 2.900  ? 1.579  ? ? 0.320 0.180 0 5  1 0.969 ? 
1.650  1.690  ? ? ? ? ? 458 ? 99.600  ? ? ? ? 0.221 ? ? ? ? ? ? ? ? 3.100  ? 1.622  ? ? 0.268 0.149 0 6  1 0.974 ? 
1.690  1.730  ? ? ? ? ? 465 ? 99.800  ? ? ? ? 0.254 ? ? ? ? ? ? ? ? 3.400  ? 3.305  ? ? 0.309 0.171 0 7  1 0.744 ? 
1.730  1.780  ? ? ? ? ? 482 ? 100.000 ? ? ? ? 0.264 ? ? ? ? ? ? ? ? 4.600  ? 2.848  ? ? 0.299 0.137 0 8  1 0.970 ? 
1.780  1.830  ? ? ? ? ? 457 ? 100.000 ? ? ? ? 0.319 ? ? ? ? ? ? ? ? 5.200  ? 2.654  ? ? 0.357 0.156 0 9  1 0.937 ? 
1.830  1.890  ? ? ? ? ? 473 ? 100.000 ? ? ? ? 0.346 ? ? ? ? ? ? ? ? 5.700  ? 3.119  ? ? 0.382 0.158 0 10 1 0.935 ? 
1.890  1.960  ? ? ? ? ? 449 ? 100.000 ? ? ? ? 0.473 ? ? ? ? ? ? ? ? 6.100  ? 4.130  ? ? 0.516 0.203 0 11 1 0.914 ? 
1.960  2.040  ? ? ? ? ? 461 ? 100.000 ? ? ? ? 0.250 ? ? ? ? ? ? ? ? 6.500  ? 2.974  ? ? 0.272 0.106 0 12 1 0.951 ? 
2.040  2.130  ? ? ? ? ? 474 ? 100.000 ? ? ? ? 0.222 ? ? ? ? ? ? ? ? 6.800  ? 3.834  ? ? 0.241 0.093 0 13 1 0.971 ? 
2.130  2.240  ? ? ? ? ? 489 ? 100.000 ? ? ? ? 0.190 ? ? ? ? ? ? ? ? 7.300  ? 3.580  ? ? 0.206 0.077 0 14 1 0.977 ? 
2.240  2.380  ? ? ? ? ? 466 ? 100.000 ? ? ? ? 0.403 ? ? ? ? ? ? ? ? 9.100  ? 5.421  ? ? 0.428 0.140 0 15 1 0.989 ? 
2.380  2.560  ? ? ? ? ? 460 ? 100.000 ? ? ? ? 0.175 ? ? ? ? ? ? ? ? 10.100 ? 4.090  ? ? 0.184 0.057 0 16 1 0.988 ? 
2.560  2.820  ? ? ? ? ? 473 ? 100.000 ? ? ? ? 0.148 ? ? ? ? ? ? ? ? 11.200 ? 5.693  ? ? 0.156 0.046 0 17 1 0.993 ? 
2.820  3.230  ? ? ? ? ? 491 ? 100.000 ? ? ? ? 0.102 ? ? ? ? ? ? ? ? 12.300 ? 7.207  ? ? 0.106 0.030 0 18 1 0.996 ? 
3.230  4.070  ? ? ? ? ? 473 ? 100.000 ? ? ? ? 0.087 ? ? ? ? ? ? ? ? 13.600 ? 10.621 ? ? 0.091 0.025 0 19 1 0.998 ? 
4.070  50.000 ? ? ? ? ? 512 ? 100.000 ? ? ? ? 0.109 ? ? ? ? ? ? ? ? 13.900 ? 13.347 ? ? 0.113 0.031 0 20 1 0.988 ? 
# 
_refine.aniso_B[1][1]                            ? 
_refine.aniso_B[1][2]                            ? 
_refine.aniso_B[1][3]                            ? 
_refine.aniso_B[2][2]                            ? 
_refine.aniso_B[2][3]                            ? 
_refine.aniso_B[3][3]                            ? 
_refine.B_iso_max                                40.620 
_refine.B_iso_mean                               25.3288 
_refine.B_iso_min                                12.810 
_refine.correlation_coeff_Fo_to_Fc               ? 
_refine.correlation_coeff_Fo_to_Fc_free          ? 
_refine.details                                  ? 
_refine.diff_density_max                         ? 
_refine.diff_density_max_esd                     ? 
_refine.diff_density_min                         ? 
_refine.diff_density_min_esd                     ? 
_refine.diff_density_rms                         ? 
_refine.diff_density_rms_esd                     ? 
_refine.entry_id                                 5DSB 
_refine.pdbx_refine_id                           'X-RAY DIFFRACTION' 
_refine.ls_abs_structure_details                 ? 
_refine.ls_abs_structure_Flack                   ? 
_refine.ls_abs_structure_Flack_esd               ? 
_refine.ls_abs_structure_Rogers                  ? 
_refine.ls_abs_structure_Rogers_esd              ? 
_refine.ls_d_res_high                            1.4959 
_refine.ls_d_res_low                             35.3350 
_refine.ls_extinction_coef                       ? 
_refine.ls_extinction_coef_esd                   ? 
_refine.ls_extinction_expression                 ? 
_refine.ls_extinction_method                     ? 
_refine.ls_goodness_of_fit_all                   ? 
_refine.ls_goodness_of_fit_all_esd               ? 
_refine.ls_goodness_of_fit_obs                   ? 
_refine.ls_goodness_of_fit_obs_esd               ? 
_refine.ls_hydrogen_treatment                    ? 
_refine.ls_matrix_type                           ? 
_refine.ls_number_constraints                    ? 
_refine.ls_number_parameters                     ? 
_refine.ls_number_reflns_all                     ? 
_refine.ls_number_reflns_obs                     9288 
_refine.ls_number_reflns_R_free                  466 
_refine.ls_number_reflns_R_work                  8822 
_refine.ls_number_restraints                     ? 
_refine.ls_percent_reflns_obs                    98.1700 
_refine.ls_percent_reflns_R_free                 5.0200 
_refine.ls_R_factor_all                          ? 
_refine.ls_R_factor_obs                          0.2528 
_refine.ls_R_factor_R_free                       0.2883 
_refine.ls_R_factor_R_free_error                 ? 
_refine.ls_R_factor_R_free_error_details         ? 
_refine.ls_R_factor_R_work                       0.2506 
_refine.ls_R_Fsqd_factor_obs                     ? 
_refine.ls_R_I_factor_obs                        ? 
_refine.ls_redundancy_reflns_all                 ? 
_refine.ls_redundancy_reflns_obs                 ? 
_refine.ls_restrained_S_all                      ? 
_refine.ls_restrained_S_obs                      ? 
_refine.ls_shift_over_esd_max                    ? 
_refine.ls_shift_over_esd_mean                   ? 
_refine.ls_structure_factor_coef                 ? 
_refine.ls_weighting_details                     ? 
_refine.ls_weighting_scheme                      ? 
_refine.ls_wR_factor_all                         ? 
_refine.ls_wR_factor_obs                         ? 
_refine.ls_wR_factor_R_free                      ? 
_refine.ls_wR_factor_R_work                      ? 
_refine.occupancy_max                            ? 
_refine.occupancy_min                            ? 
_refine.solvent_model_details                    'FLAT BULK SOLVENT MODEL' 
_refine.solvent_model_param_bsol                 ? 
_refine.solvent_model_param_ksol                 ? 
_refine.ls_R_factor_gt                           ? 
_refine.ls_goodness_of_fit_gt                    ? 
_refine.ls_goodness_of_fit_ref                   ? 
_refine.ls_shift_over_su_max                     ? 
_refine.ls_shift_over_su_max_lt                  ? 
_refine.ls_shift_over_su_mean                    ? 
_refine.ls_shift_over_su_mean_lt                 ? 
_refine.pdbx_ls_sigma_I                          ? 
_refine.pdbx_ls_sigma_F                          1.350 
_refine.pdbx_ls_sigma_Fsqd                       ? 
_refine.pdbx_data_cutoff_high_absF               ? 
_refine.pdbx_data_cutoff_high_rms_absF           ? 
_refine.pdbx_data_cutoff_low_absF                ? 
_refine.pdbx_isotropic_thermal_model             ? 
_refine.pdbx_ls_cross_valid_method               'FREE R-VALUE' 
_refine.pdbx_method_to_determine_struct          'MOLECULAR REPLACEMENT' 
_refine.pdbx_starting_model                      1p4y 
_refine.pdbx_stereochemistry_target_values       ML 
_refine.pdbx_R_Free_selection_details            'random selection' 
_refine.pdbx_stereochem_target_val_spec_case     ? 
_refine.pdbx_overall_ESU_R                       ? 
_refine.pdbx_overall_ESU_R_Free                  ? 
_refine.pdbx_solvent_vdw_probe_radii             1.1100 
_refine.pdbx_solvent_ion_probe_radii             ? 
_refine.pdbx_solvent_shrinkage_radii             0.9000 
_refine.pdbx_real_space_R                        ? 
_refine.pdbx_density_correlation                 ? 
_refine.pdbx_pd_number_of_powder_patterns        ? 
_refine.pdbx_pd_number_of_points                 ? 
_refine.pdbx_pd_meas_number_of_points            ? 
_refine.pdbx_pd_proc_ls_prof_R_factor            ? 
_refine.pdbx_pd_proc_ls_prof_wR_factor           ? 
_refine.pdbx_pd_Marquardt_correlation_coeff      ? 
_refine.pdbx_pd_Fsqrd_R_factor                   ? 
_refine.pdbx_pd_ls_matrix_band_width             ? 
_refine.pdbx_overall_phase_error                 41.0700 
_refine.pdbx_overall_SU_R_free_Cruickshank_DPI   ? 
_refine.pdbx_overall_SU_R_free_Blow_DPI          ? 
_refine.pdbx_overall_SU_R_Blow_DPI               ? 
_refine.pdbx_TLS_residual_ADP_flag               ? 
_refine.pdbx_diffrn_id                           1 
_refine.overall_SU_B                             ? 
_refine.overall_SU_ML                            0.2400 
_refine.overall_SU_R_Cruickshank_DPI             ? 
_refine.overall_SU_R_free                        ? 
_refine.overall_FOM_free_R_set                   ? 
_refine.overall_FOM_work_R_set                   ? 
_refine.pdbx_average_fsc_overall                 ? 
_refine.pdbx_average_fsc_work                    ? 
_refine.pdbx_average_fsc_free                    ? 
# 
_refine_hist.cycle_id                         final 
_refine_hist.pdbx_refine_id                   'X-RAY DIFFRACTION' 
_refine_hist.d_res_high                       1.4959 
_refine_hist.d_res_low                        35.3350 
_refine_hist.pdbx_number_atoms_ligand         1 
_refine_hist.number_atoms_solvent             98 
_refine_hist.number_atoms_total               507 
_refine_hist.pdbx_number_residues_total       20 
_refine_hist.pdbx_B_iso_mean_ligand           21.18 
_refine_hist.pdbx_B_iso_mean_solvent          29.72 
_refine_hist.pdbx_number_atoms_protein        0 
_refine_hist.pdbx_number_atoms_nucleic_acid   408 
# 
loop_
_refine_ls_restr.pdbx_refine_id 
_refine_ls_restr.criterion 
_refine_ls_restr.dev_ideal 
_refine_ls_restr.dev_ideal_target 
_refine_ls_restr.number 
_refine_ls_restr.rejects 
_refine_ls_restr.type 
_refine_ls_restr.weight 
_refine_ls_restr.pdbx_restraint_function 
'X-RAY DIFFRACTION' ? 0.011  ? 464 ? f_bond_d           ? ? 
'X-RAY DIFFRACTION' ? 1.276  ? 716 ? f_angle_d          ? ? 
'X-RAY DIFFRACTION' ? 0.047  ? 72  ? f_chiral_restr     ? ? 
'X-RAY DIFFRACTION' ? 0.010  ? 20  ? f_plane_restr      ? ? 
'X-RAY DIFFRACTION' ? 44.647 ? 235 ? f_dihedral_angle_d ? ? 
# 
loop_
_refine_ls_shell.pdbx_refine_id 
_refine_ls_shell.d_res_high 
_refine_ls_shell.d_res_low 
_refine_ls_shell.number_reflns_all 
_refine_ls_shell.number_reflns_obs 
_refine_ls_shell.number_reflns_R_free 
_refine_ls_shell.number_reflns_R_work 
_refine_ls_shell.percent_reflns_obs 
_refine_ls_shell.percent_reflns_R_free 
_refine_ls_shell.R_factor_all 
_refine_ls_shell.R_factor_obs 
_refine_ls_shell.R_factor_R_free 
_refine_ls_shell.R_factor_R_free_error 
_refine_ls_shell.R_factor_R_work 
_refine_ls_shell.redundancy_reflns_all 
_refine_ls_shell.redundancy_reflns_obs 
_refine_ls_shell.wR_factor_all 
_refine_ls_shell.wR_factor_obs 
_refine_ls_shell.wR_factor_R_free 
_refine_ls_shell.wR_factor_R_work 
_refine_ls_shell.pdbx_total_number_of_bins_used 
_refine_ls_shell.pdbx_phase_error 
_refine_ls_shell.pdbx_fsc_work 
_refine_ls_shell.pdbx_fsc_free 
'X-RAY DIFFRACTION' 1.4959 1.7124  2967 . 150 2817 95.0000  . . . 0.4081 . 0.3366 . . . . . . 3 . . . 
'X-RAY DIFFRACTION' 1.7124 2.1574  3115 . 163 2952 99.0000  . . . 0.3322 . 0.3235 . . . . . . 3 . . . 
'X-RAY DIFFRACTION' 2.1574 35.3450 3206 . 153 3053 100.0000 . . . 0.2551 . 0.2185 . . . . . . 3 . . . 
# 
_struct.entry_id                     5DSB 
_struct.title                        
'Crystal structure of Holliday junctions stabilized by 5-hydroxymethylcytosine in GCC junction core' 
_struct.pdbx_model_details           ? 
_struct.pdbx_formula_weight          ? 
_struct.pdbx_formula_weight_method   ? 
_struct.pdbx_model_type_details      ? 
_struct.pdbx_CASP_flag               ? 
# 
_struct_keywords.entry_id        5DSB 
_struct_keywords.text            'Holliday junction, 5-hydroxymethylcytosine, DNA' 
_struct_keywords.pdbx_keywords   DNA 
# 
loop_
_struct_asym.id 
_struct_asym.pdbx_blank_PDB_chainid_flag 
_struct_asym.pdbx_modified 
_struct_asym.entity_id 
_struct_asym.details 
A N N 1 ? 
B N N 1 ? 
C N N 2 ? 
D N N 3 ? 
E N N 3 ? 
# 
loop_
_struct_conn.id 
_struct_conn.conn_type_id 
_struct_conn.pdbx_leaving_atom_flag 
_struct_conn.pdbx_PDB_id 
_struct_conn.ptnr1_label_asym_id 
_struct_conn.ptnr1_label_comp_id 
_struct_conn.ptnr1_label_seq_id 
_struct_conn.ptnr1_label_atom_id 
_struct_conn.pdbx_ptnr1_label_alt_id 
_struct_conn.pdbx_ptnr1_PDB_ins_code 
_struct_conn.pdbx_ptnr1_standard_comp_id 
_struct_conn.ptnr1_symmetry 
_struct_conn.ptnr2_label_asym_id 
_struct_conn.ptnr2_label_comp_id 
_struct_conn.ptnr2_label_seq_id 
_struct_conn.ptnr2_label_atom_id 
_struct_conn.pdbx_ptnr2_label_alt_id 
_struct_conn.pdbx_ptnr2_PDB_ins_code 
_struct_conn.ptnr1_auth_asym_id 
_struct_conn.ptnr1_auth_comp_id 
_struct_conn.ptnr1_auth_seq_id 
_struct_conn.ptnr2_auth_asym_id 
_struct_conn.ptnr2_auth_comp_id 
_struct_conn.ptnr2_auth_seq_id 
_struct_conn.ptnr2_symmetry 
_struct_conn.pdbx_ptnr3_label_atom_id 
_struct_conn.pdbx_ptnr3_label_seq_id 
_struct_conn.pdbx_ptnr3_label_comp_id 
_struct_conn.pdbx_ptnr3_label_asym_id 
_struct_conn.pdbx_ptnr3_label_alt_id 
_struct_conn.pdbx_ptnr3_PDB_ins_code 
_struct_conn.details 
_struct_conn.pdbx_dist_value 
_struct_conn.pdbx_value_order 
_struct_conn.pdbx_role 
covale1  covale both ? A DG  6 "O3'" ? ? ? 1_555 A 5HC 7  P  ? ? A DG  6   A 5HC 7   1_555 ? ? ? ? ? ? ?            1.603 ? ? 
covale2  covale both ? A 5HC 7 "O3'" ? ? ? 1_555 A DC  8  P  ? ? A 5HC 7   A DC  8   1_555 ? ? ? ? ? ? ?            1.602 ? ? 
covale3  covale both ? B DG  6 "O3'" ? ? ? 1_555 B 5HC 7  P  ? ? B DG  16  B 5HC 17  1_555 ? ? ? ? ? ? ?            1.596 ? ? 
covale4  covale both ? B 5HC 7 "O3'" ? ? ? 1_555 B DC  8  P  ? ? B 5HC 17  B DC  18  1_555 ? ? ? ? ? ? ?            1.601 ? ? 
metalc1  metalc ?    ? D HOH . O     ? ? ? 2_556 C CA  .  CA ? ? A HOH 125 B CA  101 1_555 ? ? ? ? ? ? ?            2.402 ? ? 
metalc2  metalc ?    ? D HOH . O     ? ? ? 2_556 C CA  .  CA ? ? A HOH 136 B CA  101 1_555 ? ? ? ? ? ? ?            2.376 ? ? 
metalc3  metalc ?    ? D HOH . O     ? ? ? 3_555 C CA  .  CA ? ? A HOH 147 B CA  101 1_555 ? ? ? ? ? ? ?            2.547 ? ? 
metalc4  metalc ?    ? C CA  . CA    ? ? ? 1_555 E HOH .  O  ? ? B CA  101 B HOH 216 1_555 ? ? ? ? ? ? ?            2.710 ? ? 
metalc5  metalc ?    ? C CA  . CA    ? ? ? 1_555 E HOH .  O  ? ? B CA  101 B HOH 223 1_555 ? ? ? ? ? ? ?            2.482 ? ? 
metalc6  metalc ?    ? C CA  . CA    ? ? ? 1_555 E HOH .  O  ? ? B CA  101 B HOH 236 1_555 ? ? ? ? ? ? ?            2.322 ? ? 
metalc7  metalc ?    ? C CA  . CA    ? ? ? 1_555 E HOH .  O  ? ? B CA  101 B HOH 237 1_555 ? ? ? ? ? ? ?            2.307 ? ? 
metalc8  metalc ?    ? C CA  . CA    ? ? ? 1_555 E HOH .  O  ? ? B CA  101 B HOH 243 1_555 ? ? ? ? ? ? ?            2.165 ? ? 
hydrog1  hydrog ?    ? A DC  1 N3    ? ? ? 1_555 B DG  10 N1 ? ? A DC  1   B DG  20  1_555 ? ? ? ? ? ? WATSON-CRICK ?     ? ? 
hydrog2  hydrog ?    ? A DC  1 N4    ? ? ? 1_555 B DG  10 O6 ? ? A DC  1   B DG  20  1_555 ? ? ? ? ? ? WATSON-CRICK ?     ? ? 
hydrog3  hydrog ?    ? A DC  1 O2    ? ? ? 1_555 B DG  10 N2 ? ? A DC  1   B DG  20  1_555 ? ? ? ? ? ? WATSON-CRICK ?     ? ? 
hydrog4  hydrog ?    ? A DC  2 N3    ? ? ? 1_555 B DG  9  N1 ? ? A DC  2   B DG  19  1_555 ? ? ? ? ? ? WATSON-CRICK ?     ? ? 
hydrog5  hydrog ?    ? A DC  2 N4    ? ? ? 1_555 B DG  9  O6 ? ? A DC  2   B DG  19  1_555 ? ? ? ? ? ? WATSON-CRICK ?     ? ? 
hydrog6  hydrog ?    ? A DC  2 O2    ? ? ? 1_555 B DG  9  N2 ? ? A DC  2   B DG  19  1_555 ? ? ? ? ? ? WATSON-CRICK ?     ? ? 
hydrog7  hydrog ?    ? A DG  3 N1    ? ? ? 1_555 B DC  8  N3 ? ? A DG  3   B DC  18  1_555 ? ? ? ? ? ? WATSON-CRICK ?     ? ? 
hydrog8  hydrog ?    ? A DG  3 N2    ? ? ? 1_555 B DC  8  O2 ? ? A DG  3   B DC  18  1_555 ? ? ? ? ? ? WATSON-CRICK ?     ? ? 
hydrog9  hydrog ?    ? A DG  3 O6    ? ? ? 1_555 B DC  8  N4 ? ? A DG  3   B DC  18  1_555 ? ? ? ? ? ? WATSON-CRICK ?     ? ? 
hydrog10 hydrog ?    ? A DG  4 N1    ? ? ? 1_555 B 5HC 7  N3 ? ? A DG  4   B 5HC 17  1_555 ? ? ? ? ? ? WATSON-CRICK ?     ? ? 
hydrog11 hydrog ?    ? A DG  4 N2    ? ? ? 1_555 B 5HC 7  O2 ? ? A DG  4   B 5HC 17  1_555 ? ? ? ? ? ? WATSON-CRICK ?     ? ? 
hydrog12 hydrog ?    ? A DG  4 O6    ? ? ? 1_555 B 5HC 7  N4 ? ? A DG  4   B 5HC 17  1_555 ? ? ? ? ? ? WATSON-CRICK ?     ? ? 
hydrog13 hydrog ?    ? A DC  5 N3    ? ? ? 1_555 B DG  6  N1 ? ? A DC  5   B DG  16  1_555 ? ? ? ? ? ? WATSON-CRICK ?     ? ? 
hydrog14 hydrog ?    ? A DC  5 N4    ? ? ? 1_555 B DG  6  O6 ? ? A DC  5   B DG  16  1_555 ? ? ? ? ? ? WATSON-CRICK ?     ? ? 
hydrog15 hydrog ?    ? A DC  5 O2    ? ? ? 1_555 B DG  6  N2 ? ? A DC  5   B DG  16  1_555 ? ? ? ? ? ? WATSON-CRICK ?     ? ? 
hydrog16 hydrog ?    ? A DG  6 N1    ? ? ? 1_555 B DC  5  N3 ? ? A DG  6   B DC  15  1_555 ? ? ? ? ? ? WATSON-CRICK ?     ? ? 
hydrog17 hydrog ?    ? A DG  6 N2    ? ? ? 1_555 B DC  5  O2 ? ? A DG  6   B DC  15  1_555 ? ? ? ? ? ? WATSON-CRICK ?     ? ? 
hydrog18 hydrog ?    ? A DG  6 O6    ? ? ? 1_555 B DC  5  N4 ? ? A DG  6   B DC  15  1_555 ? ? ? ? ? ? WATSON-CRICK ?     ? ? 
# 
loop_
_struct_conn_type.id 
_struct_conn_type.criteria 
_struct_conn_type.reference 
covale ? ? 
metalc ? ? 
hydrog ? ? 
# 
loop_
_struct_site.id 
_struct_site.pdbx_evidence_code 
_struct_site.pdbx_auth_asym_id 
_struct_site.pdbx_auth_comp_id 
_struct_site.pdbx_auth_seq_id 
_struct_site.pdbx_auth_ins_code 
_struct_site.pdbx_num_residues 
_struct_site.details 
AC1 Software B CA  101 ? 8 'binding site for residue CA B 101'                   
AC2 Software B DG  16  ? 9 'binding site for Di-nucleotide DG B 16 and 5HC B 17' 
AC3 Software B 5HC 17  ? 7 'binding site for Di-nucleotide 5HC B 17 and DC B 18' 
# 
loop_
_struct_site_gen.id 
_struct_site_gen.site_id 
_struct_site_gen.pdbx_num_res 
_struct_site_gen.label_comp_id 
_struct_site_gen.label_asym_id 
_struct_site_gen.label_seq_id 
_struct_site_gen.pdbx_auth_ins_code 
_struct_site_gen.auth_comp_id 
_struct_site_gen.auth_asym_id 
_struct_site_gen.auth_seq_id 
_struct_site_gen.label_atom_id 
_struct_site_gen.label_alt_id 
_struct_site_gen.symmetry 
_struct_site_gen.details 
1  AC1 8 HOH D . ? HOH A 125 . ? 2_556 ? 
2  AC1 8 HOH D . ? HOH A 136 . ? 2_556 ? 
3  AC1 8 HOH D . ? HOH A 147 . ? 3_555 ? 
4  AC1 8 HOH E . ? HOH B 216 . ? 1_555 ? 
5  AC1 8 HOH E . ? HOH B 223 . ? 1_555 ? 
6  AC1 8 HOH E . ? HOH B 236 . ? 1_555 ? 
7  AC1 8 HOH E . ? HOH B 237 . ? 1_555 ? 
8  AC1 8 HOH E . ? HOH B 243 . ? 1_555 ? 
9  AC2 9 DG  A 3 ? DG  A 3   . ? 1_555 ? 
10 AC2 9 DG  A 4 ? DG  A 4   . ? 1_555 ? 
11 AC2 9 DC  A 5 ? DC  A 5   . ? 1_555 ? 
12 AC2 9 DG  A 6 ? DG  A 6   . ? 1_555 ? 
13 AC2 9 DC  B 5 ? DC  B 15  . ? 1_555 ? 
14 AC2 9 DC  B 8 ? DC  B 18  . ? 1_555 ? 
15 AC2 9 HOH E . ? HOH B 209 . ? 1_555 ? 
16 AC2 9 HOH E . ? HOH B 211 . ? 1_555 ? 
17 AC2 9 HOH E . ? HOH B 224 . ? 1_555 ? 
18 AC3 7 DC  A 2 ? DC  A 2   . ? 1_555 ? 
19 AC3 7 DG  A 3 ? DG  A 3   . ? 1_555 ? 
20 AC3 7 DG  A 4 ? DG  A 4   . ? 1_555 ? 
21 AC3 7 DG  B 6 ? DG  B 16  . ? 1_555 ? 
22 AC3 7 DG  B 9 ? DG  B 19  . ? 1_555 ? 
23 AC3 7 HOH E . ? HOH B 224 . ? 1_555 ? 
24 AC3 7 HOH E . ? HOH B 229 . ? 1_555 ? 
# 
_atom_sites.entry_id                    5DSB 
_atom_sites.fract_transf_matrix[1][1]   0.01070146 
_atom_sites.fract_transf_matrix[1][2]   0.01229697 
_atom_sites.fract_transf_matrix[1][3]   0.00017617 
_atom_sites.fract_transf_matrix[2][1]   -0.01529688 
_atom_sites.fract_transf_matrix[2][2]   0.01280926 
_atom_sites.fract_transf_matrix[2][3]   0.03510084 
_atom_sites.fract_transf_matrix[3][1]   0.02404261 
_atom_sites.fract_transf_matrix[3][2]   -0.00716894 
_atom_sites.fract_transf_matrix[3][3]   0.01309387 
_atom_sites.fract_transf_vector[1]      -0.054358 
_atom_sites.fract_transf_vector[2]      0.061996 
_atom_sites.fract_transf_vector[3]      0.638734 
# 
loop_
_atom_type.symbol 
C  
CA 
N  
O  
P  
# 
loop_
_atom_site.group_PDB 
_atom_site.id 
_atom_site.type_symbol 
_atom_site.label_atom_id 
_atom_site.label_alt_id 
_atom_site.label_comp_id 
_atom_site.label_asym_id 
_atom_site.label_entity_id 
_atom_site.label_seq_id 
_atom_site.pdbx_PDB_ins_code 
_atom_site.Cartn_x 
_atom_site.Cartn_y 
_atom_site.Cartn_z 
_atom_site.occupancy 
_atom_site.B_iso_or_equiv 
_atom_site.pdbx_formal_charge 
_atom_site.auth_seq_id 
_atom_site.auth_comp_id 
_atom_site.auth_asym_id 
_atom_site.auth_atom_id 
_atom_site.pdbx_PDB_model_num 
ATOM   1   O  "O5'" . DC  A 1 1  ? 5.888   -14.225 4.302  1.00 22.47 ? 1   DC  A "O5'" 1 
ATOM   2   C  "C5'" . DC  A 1 1  ? 6.498   -15.457 3.989  1.00 21.83 ? 1   DC  A "C5'" 1 
ATOM   3   C  "C4'" . DC  A 1 1  ? 6.058   -15.965 2.630  1.00 21.99 ? 1   DC  A "C4'" 1 
ATOM   4   O  "O4'" . DC  A 1 1  ? 4.628   -16.226 2.642  1.00 22.36 ? 1   DC  A "O4'" 1 
ATOM   5   C  "C3'" . DC  A 1 1  ? 6.300   -15.016 1.468  1.00 22.57 ? 1   DC  A "C3'" 1 
ATOM   6   O  "O3'" . DC  A 1 1  ? 6.654   -15.772 0.330  1.00 24.97 ? 1   DC  A "O3'" 1 
ATOM   7   C  "C2'" . DC  A 1 1  ? 4.930   -14.366 1.287  1.00 19.77 ? 1   DC  A "C2'" 1 
ATOM   8   C  "C1'" . DC  A 1 1  ? 4.022   -15.539 1.578  1.00 21.21 ? 1   DC  A "C1'" 1 
ATOM   9   N  N1    . DC  A 1 1  ? 2.635   -15.157 1.973  1.00 20.95 ? 1   DC  A N1    1 
ATOM   10  C  C2    . DC  A 1 1  ? 1.696   -14.860 0.975  1.00 21.95 ? 1   DC  A C2    1 
ATOM   11  O  O2    . DC  A 1 1  ? 2.046   -14.894 -0.205 1.00 21.08 ? 1   DC  A O2    1 
ATOM   12  N  N3    . DC  A 1 1  ? 0.433   -14.532 1.336  1.00 22.37 ? 1   DC  A N3    1 
ATOM   13  C  C4    . DC  A 1 1  ? 0.087   -14.505 2.626  1.00 23.25 ? 1   DC  A C4    1 
ATOM   14  N  N4    . DC  A 1 1  ? -1.177  -14.174 2.934  1.00 22.94 ? 1   DC  A N4    1 
ATOM   15  C  C5    . DC  A 1 1  ? 1.027   -14.811 3.660  1.00 23.39 ? 1   DC  A C5    1 
ATOM   16  C  C6    . DC  A 1 1  ? 2.278   -15.133 3.288  1.00 22.19 ? 1   DC  A C6    1 
ATOM   17  P  P     . DC  A 1 2  ? 8.116   -15.636 -0.300 1.00 25.89 ? 2   DC  A P     1 
ATOM   18  O  OP1   . DC  A 1 2  ? 8.214   -16.658 -1.367 1.00 27.28 ? 2   DC  A OP1   1 
ATOM   19  O  OP2   . DC  A 1 2  ? 9.075   -15.574 0.808  1.00 25.68 ? 2   DC  A OP2   1 
ATOM   20  O  "O5'" . DC  A 1 2  ? 8.128   -14.159 -0.917 1.00 24.68 ? 2   DC  A "O5'" 1 
ATOM   21  C  "C5'" . DC  A 1 2  ? 7.557   -13.904 -2.185 1.00 23.44 ? 2   DC  A "C5'" 1 
ATOM   22  C  "C4'" . DC  A 1 2  ? 7.207   -12.440 -2.322 1.00 23.24 ? 2   DC  A "C4'" 1 
ATOM   23  O  "O4'" . DC  A 1 2  ? 6.082   -12.141 -1.476 1.00 22.60 ? 2   DC  A "O4'" 1 
ATOM   24  C  "C3'" . DC  A 1 2  ? 8.298   -11.466 -1.905 1.00 24.48 ? 2   DC  A "C3'" 1 
ATOM   25  O  "O3'" . DC  A 1 2  ? 8.316   -10.403 -2.819 1.00 30.90 ? 2   DC  A "O3'" 1 
ATOM   26  C  "C2'" . DC  A 1 2  ? 7.833   -10.994 -0.527 1.00 23.57 ? 2   DC  A "C2'" 1 
ATOM   27  C  "C1'" . DC  A 1 2  ? 6.348   -10.953 -0.764 1.00 24.64 ? 2   DC  A "C1'" 1 
ATOM   28  N  N1    . DC  A 1 2  ? 5.513   -10.980 0.449  1.00 20.30 ? 2   DC  A N1    1 
ATOM   29  C  C2    . DC  A 1 2  ? 4.138   -10.828 0.305  1.00 20.05 ? 2   DC  A C2    1 
ATOM   30  O  O2    . DC  A 1 2  ? 3.676   -10.639 -0.820 1.00 20.97 ? 2   DC  A O2    1 
ATOM   31  N  N3    . DC  A 1 2  ? 3.354   -10.886 1.398  1.00 20.02 ? 2   DC  A N3    1 
ATOM   32  C  C4    . DC  A 1 2  ? 3.885   -11.085 2.586  1.00 21.40 ? 2   DC  A C4    1 
ATOM   33  N  N4    . DC  A 1 2  ? 3.060   -11.141 3.633  1.00 20.12 ? 2   DC  A N4    1 
ATOM   34  C  C5    . DC  A 1 2  ? 5.291   -11.238 2.759  1.00 22.05 ? 2   DC  A C5    1 
ATOM   35  C  C6    . DC  A 1 2  ? 6.060   -11.189 1.669  1.00 21.66 ? 2   DC  A C6    1 
ATOM   36  P  P     . DG  A 1 3  ? 9.423   -10.357 -3.975 1.00 34.01 ? 3   DG  A P     1 
ATOM   37  O  OP1   . DG  A 1 3  ? 9.506   -11.722 -4.536 1.00 32.18 ? 3   DG  A OP1   1 
ATOM   38  O  OP2   . DG  A 1 3  ? 10.610  -9.651  -3.449 1.00 31.72 ? 3   DG  A OP2   1 
ATOM   39  O  "O5'" . DG  A 1 3  ? 8.793   -9.410  -5.084 1.00 30.21 ? 3   DG  A "O5'" 1 
ATOM   40  C  "C5'" . DG  A 1 3  ? 7.559   -9.740  -5.677 1.00 28.28 ? 3   DG  A "C5'" 1 
ATOM   41  C  "C4'" . DG  A 1 3  ? 6.660   -8.531  -5.700 1.00 33.23 ? 3   DG  A "C4'" 1 
ATOM   42  O  "O4'" . DG  A 1 3  ? 6.024   -8.388  -4.406 1.00 33.10 ? 3   DG  A "O4'" 1 
ATOM   43  C  "C3'" . DG  A 1 3  ? 7.383   -7.204  -5.937 1.00 30.57 ? 3   DG  A "C3'" 1 
ATOM   44  O  "O3'" . DG  A 1 3  ? 6.504   -6.303  -6.569 1.00 36.79 ? 3   DG  A "O3'" 1 
ATOM   45  C  "C2'" . DG  A 1 3  ? 7.671   -6.749  -4.515 1.00 32.13 ? 3   DG  A "C2'" 1 
ATOM   46  C  "C1'" . DG  A 1 3  ? 6.357   -7.126  -3.870 1.00 29.94 ? 3   DG  A "C1'" 1 
ATOM   47  N  N9    . DG  A 1 3  ? 6.405   -7.251  -2.437 1.00 26.77 ? 3   DG  A N9    1 
ATOM   48  C  C8    . DG  A 1 3  ? 7.511   -7.403  -1.657 1.00 27.79 ? 3   DG  A C8    1 
ATOM   49  N  N7    . DG  A 1 3  ? 7.236   -7.505  -0.389 1.00 29.09 ? 3   DG  A N7    1 
ATOM   50  C  C5    . DG  A 1 3  ? 5.851   -7.426  -0.339 1.00 24.81 ? 3   DG  A C5    1 
ATOM   51  C  C6    . DG  A 1 3  ? 4.976   -7.485  0.760  1.00 21.07 ? 3   DG  A C6    1 
ATOM   52  O  O6    . DG  A 1 3  ? 5.250   -7.629  1.947  1.00 24.49 ? 3   DG  A O6    1 
ATOM   53  N  N1    . DG  A 1 3  ? 3.657   -7.372  0.369  1.00 22.16 ? 3   DG  A N1    1 
ATOM   54  C  C2    . DG  A 1 3  ? 3.228   -7.214  -0.922 1.00 24.69 ? 3   DG  A C2    1 
ATOM   55  N  N2    . DG  A 1 3  ? 1.905   -7.111  -1.105 1.00 26.41 ? 3   DG  A N2    1 
ATOM   56  N  N3    . DG  A 1 3  ? 4.037   -7.163  -1.964 1.00 27.00 ? 3   DG  A N3    1 
ATOM   57  C  C4    . DG  A 1 3  ? 5.329   -7.279  -1.594 1.00 25.42 ? 3   DG  A C4    1 
ATOM   58  P  P     . DG  A 1 4  ? 6.690   -5.913  -8.114 1.00 40.49 ? 4   DG  A P     1 
ATOM   59  O  OP1   . DG  A 1 4  ? 6.784   -7.160  -8.901 1.00 40.62 ? 4   DG  A OP1   1 
ATOM   60  O  OP2   . DG  A 1 4  ? 7.737   -4.867  -8.175 1.00 36.84 ? 4   DG  A OP2   1 
ATOM   61  O  "O5'" . DG  A 1 4  ? 5.293   -5.252  -8.492 1.00 36.30 ? 4   DG  A "O5'" 1 
ATOM   62  C  "C5'" . DG  A 1 4  ? 4.102   -5.897  -8.128 1.00 32.36 ? 4   DG  A "C5'" 1 
ATOM   63  C  "C4'" . DG  A 1 4  ? 3.121   -4.917  -7.526 1.00 30.30 ? 4   DG  A "C4'" 1 
ATOM   64  O  "O4'" . DG  A 1 4  ? 3.286   -4.853  -6.087 1.00 31.18 ? 4   DG  A "O4'" 1 
ATOM   65  C  "C3'" . DG  A 1 4  ? 3.247   -3.486  -8.022 1.00 32.20 ? 4   DG  A "C3'" 1 
ATOM   66  O  "O3'" . DG  A 1 4  ? 1.953   -2.945  -8.114 1.00 36.79 ? 4   DG  A "O3'" 1 
ATOM   67  C  "C2'" . DG  A 1 4  ? 4.074   -2.817  -6.920 1.00 33.02 ? 4   DG  A "C2'" 1 
ATOM   68  C  "C1'" . DG  A 1 4  ? 3.538   -3.516  -5.690 1.00 31.24 ? 4   DG  A "C1'" 1 
ATOM   69  N  N9    . DG  A 1 4  ? 4.475   -3.562  -4.579 1.00 30.15 ? 4   DG  A N9    1 
ATOM   70  C  C8    . DG  A 1 4  ? 5.845   -3.586  -4.649 1.00 27.87 ? 4   DG  A C8    1 
ATOM   71  N  N7    . DG  A 1 4  ? 6.422   -3.675  -3.486 1.00 28.42 ? 4   DG  A N7    1 
ATOM   72  C  C5    . DG  A 1 4  ? 5.368   -3.723  -2.587 1.00 27.09 ? 4   DG  A C5    1 
ATOM   73  C  C6    . DG  A 1 4  ? 5.379   -3.824  -1.182 1.00 24.26 ? 4   DG  A C6    1 
ATOM   74  O  O6    . DG  A 1 4  ? 6.350   -3.897  -0.428 1.00 28.77 ? 4   DG  A O6    1 
ATOM   75  N  N1    . DG  A 1 4  ? 4.094   -3.846  -0.658 1.00 24.93 ? 4   DG  A N1    1 
ATOM   76  C  C2    . DG  A 1 4  ? 2.940   -3.780  -1.395 1.00 23.57 ? 4   DG  A C2    1 
ATOM   77  N  N2    . DG  A 1 4  ? 1.790   -3.819  -0.705 1.00 24.77 ? 4   DG  A N2    1 
ATOM   78  N  N3    . DG  A 1 4  ? 2.910   -3.691  -2.713 1.00 26.53 ? 4   DG  A N3    1 
ATOM   79  C  C4    . DG  A 1 4  ? 4.164   -3.663  -3.243 1.00 27.75 ? 4   DG  A C4    1 
ATOM   80  P  P     . DC  A 1 5  ? 1.688   -1.434  -8.589 1.00 35.33 ? 5   DC  A P     1 
ATOM   81  O  OP1   . DC  A 1 5  ? 0.923   -1.542  -9.846 1.00 37.06 ? 5   DC  A OP1   1 
ATOM   82  O  OP2   . DC  A 1 5  ? 2.918   -0.614  -8.560 1.00 38.63 ? 5   DC  A OP2   1 
ATOM   83  O  "O5'" . DC  A 1 5  ? 0.746   -0.882  -7.433 1.00 28.28 ? 5   DC  A "O5'" 1 
ATOM   84  C  "C5'" . DC  A 1 5  ? -0.204  -1.725  -6.845 1.00 28.14 ? 5   DC  A "C5'" 1 
ATOM   85  C  "C4'" . DC  A 1 5  ? -0.669  -1.155  -5.527 1.00 27.36 ? 5   DC  A "C4'" 1 
ATOM   86  O  "O4'" . DC  A 1 5  ? 0.370   -1.291  -4.535 1.00 27.58 ? 5   DC  A "O4'" 1 
ATOM   87  C  "C3'" . DC  A 1 5  ? -1.020  0.326   -5.546 1.00 33.31 ? 5   DC  A "C3'" 1 
ATOM   88  O  "O3'" . DC  A 1 5  ? -2.189  0.498   -4.801 1.00 33.76 ? 5   DC  A "O3'" 1 
ATOM   89  C  "C2'" . DC  A 1 5  ? 0.188   0.986   -4.865 1.00 28.85 ? 5   DC  A "C2'" 1 
ATOM   90  C  "C1'" . DC  A 1 5  ? 0.504   -0.075  -3.839 1.00 28.76 ? 5   DC  A "C1'" 1 
ATOM   91  N  N1    . DC  A 1 5  ? 1.861   -0.052  -3.290 1.00 25.70 ? 5   DC  A N1    1 
ATOM   92  C  C2    . DC  A 1 5  ? 2.039   -0.196  -1.904 1.00 21.94 ? 5   DC  A C2    1 
ATOM   93  O  O2    . DC  A 1 5  ? 1.043   -0.270  -1.168 1.00 23.19 ? 5   DC  A O2    1 
ATOM   94  N  N3    . DC  A 1 5  ? 3.284   -0.230  -1.412 1.00 21.37 ? 5   DC  A N3    1 
ATOM   95  C  C4    . DC  A 1 5  ? 4.329   -0.157  -2.233 1.00 22.28 ? 5   DC  A C4    1 
ATOM   96  N  N4    . DC  A 1 5  ? 5.543   -0.203  -1.699 1.00 24.82 ? 5   DC  A N4    1 
ATOM   97  C  C5    . DC  A 1 5  ? 4.172   -0.024  -3.643 1.00 26.43 ? 5   DC  A C5    1 
ATOM   98  C  C6    . DC  A 1 5  ? 2.928   0.005   -4.124 1.00 25.16 ? 5   DC  A C6    1 
ATOM   99  P  P     . DG  A 1 6  ? -3.043  1.834   -4.966 1.00 35.56 ? 6   DG  A P     1 
ATOM   100 O  OP1   . DG  A 1 6  ? -4.444  1.384   -5.052 1.00 29.39 ? 6   DG  A OP1   1 
ATOM   101 O  OP2   . DG  A 1 6  ? -2.368  2.663   -5.996 1.00 31.63 ? 6   DG  A OP2   1 
ATOM   102 O  "O5'" . DG  A 1 6  ? -2.844  2.563   -3.573 1.00 26.37 ? 6   DG  A "O5'" 1 
ATOM   103 C  "C5'" . DG  A 1 6  ? -3.424  2.012   -2.448 1.00 24.31 ? 6   DG  A "C5'" 1 
ATOM   104 C  "C4'" . DG  A 1 6  ? -3.032  2.800   -1.234 1.00 20.06 ? 6   DG  A "C4'" 1 
ATOM   105 O  "O4'" . DG  A 1 6  ? -1.620  2.617   -0.985 1.00 19.02 ? 6   DG  A "O4'" 1 
ATOM   106 C  "C3'" . DG  A 1 6  ? -3.261  4.294   -1.361 1.00 16.62 ? 6   DG  A "C3'" 1 
ATOM   107 O  "O3'" . DG  A 1 6  ? -3.799  4.784   -0.163 1.00 15.72 ? 6   DG  A "O3'" 1 
ATOM   108 C  "C2'" . DG  A 1 6  ? -1.858  4.845   -1.623 1.00 17.48 ? 6   DG  A "C2'" 1 
ATOM   109 C  "C1'" . DG  A 1 6  ? -0.988  3.858   -0.852 1.00 18.03 ? 6   DG  A "C1'" 1 
ATOM   110 N  N9    . DG  A 1 6  ? 0.377   3.698   -1.365 1.00 19.77 ? 6   DG  A N9    1 
ATOM   111 C  C8    . DG  A 1 6  ? 0.787   3.785   -2.667 1.00 19.73 ? 6   DG  A C8    1 
ATOM   112 N  N7    . DG  A 1 6  ? 2.066   3.581   -2.819 1.00 20.43 ? 6   DG  A N7    1 
ATOM   113 C  C5    . DG  A 1 6  ? 2.528   3.335   -1.538 1.00 17.44 ? 6   DG  A C5    1 
ATOM   114 C  C6    . DG  A 1 6  ? 3.835   3.047   -1.077 1.00 17.39 ? 6   DG  A C6    1 
ATOM   115 O  O6    . DG  A 1 6  ? 4.870   2.938   -1.736 1.00 18.93 ? 6   DG  A O6    1 
ATOM   116 N  N1    . DG  A 1 6  ? 3.869   2.873   0.293  1.00 16.79 ? 6   DG  A N1    1 
ATOM   117 C  C2    . DG  A 1 6  ? 2.782   2.959   1.115  1.00 16.41 ? 6   DG  A C2    1 
ATOM   118 N  N2    . DG  A 1 6  ? 2.997   2.760   2.420  1.00 18.41 ? 6   DG  A N2    1 
ATOM   119 N  N3    . DG  A 1 6  ? 1.561   3.234   0.697  1.00 18.33 ? 6   DG  A N3    1 
ATOM   120 C  C4    . DG  A 1 6  ? 1.507   3.403   -0.634 1.00 17.48 ? 6   DG  A C4    1 
HETATM 121 P  P     . 5HC A 1 7  ? -5.377  4.697   0.107  1.00 19.16 ? 7   5HC A P     1 
HETATM 122 O  OP1   . 5HC A 1 7  ? -5.555  4.767   1.599  1.00 20.67 ? 7   5HC A OP1   1 
HETATM 123 O  OP2   . 5HC A 1 7  ? -5.978  3.450   -0.492 1.00 23.54 ? 7   5HC A OP2   1 
HETATM 124 O  "O5'" . 5HC A 1 7  ? -5.958  6.036   -0.541 1.00 18.23 ? 7   5HC A "O5'" 1 
HETATM 125 C  "C5'" . 5HC A 1 7  ? -5.539  7.324   -0.040 1.00 18.83 ? 7   5HC A "C5'" 1 
HETATM 126 C  "C4'" . 5HC A 1 7  ? -6.321  8.356   -0.536 1.00 20.11 ? 7   5HC A "C4'" 1 
HETATM 127 O  "O4'" . 5HC A 1 7  ? -6.329  8.396   -2.096 1.00 17.72 ? 7   5HC A "O4'" 1 
HETATM 128 C  "C3'" . 5HC A 1 7  ? -7.805  8.300   -0.142 1.00 20.94 ? 7   5HC A "C3'" 1 
HETATM 129 O  "O3'" . 5HC A 1 7  ? -8.216  9.703   0.114  1.00 22.58 ? 7   5HC A "O3'" 1 
HETATM 130 C  "C2'" . 5HC A 1 7  ? -8.447  7.819   -1.192 1.00 18.06 ? 7   5HC A "C2'" 1 
HETATM 131 C  "C1'" . 5HC A 1 7  ? -7.570  8.264   -2.493 1.00 15.66 ? 7   5HC A "C1'" 1 
HETATM 132 N  N1    . 5HC A 1 7  ? -7.600  7.428   -3.618 1.00 15.95 ? 7   5HC A N1    1 
HETATM 133 C  C2    . 5HC A 1 7  ? -8.660  7.418   -4.428 1.00 16.22 ? 7   5HC A C2    1 
HETATM 134 O  O2    . 5HC A 1 7  ? -9.599  8.127   -4.164 1.00 17.40 ? 7   5HC A O2    1 
HETATM 135 N  N3    . 5HC A 1 7  ? -8.714  6.662   -5.506 1.00 14.38 ? 7   5HC A N3    1 
HETATM 136 C  C4    . 5HC A 1 7  ? -7.673  5.887   -5.824 1.00 14.48 ? 7   5HC A C4    1 
HETATM 137 N  N4    . 5HC A 1 7  ? -7.669  5.074   -6.988 1.00 15.91 ? 7   5HC A N4    1 
HETATM 138 C  C5    . 5HC A 1 7  ? -6.521  5.858   -5.003 1.00 14.59 ? 7   5HC A C5    1 
HETATM 139 C  C5M   . 5HC A 1 7  ? -5.334  4.982   -5.319 1.00 20.78 ? 7   5HC A C5M   1 
HETATM 140 O  O5    A 5HC A 1 7  ? -5.703  3.638   -5.141 0.40 23.89 ? 7   5HC A O5    1 
HETATM 141 O  O5    B 5HC A 1 7  ? -4.297  5.414   -4.470 0.60 20.45 ? 7   5HC A O5    1 
HETATM 142 C  C6    . 5HC A 1 7  ? -6.533  6.665   -3.866 1.00 16.92 ? 7   5HC A C6    1 
ATOM   143 P  P     . DC  A 1 8  ? -8.796  10.109  1.551  1.00 26.99 ? 8   DC  A P     1 
ATOM   144 O  OP1   . DC  A 1 8  ? -9.019  11.568  1.528  1.00 27.60 ? 8   DC  A OP1   1 
ATOM   145 O  OP2   . DC  A 1 8  ? -7.971  9.501   2.609  1.00 28.28 ? 8   DC  A OP2   1 
ATOM   146 O  "O5'" . DC  A 1 8  ? -10.208 9.346   1.623  1.00 22.95 ? 8   DC  A "O5'" 1 
ATOM   147 C  "C5'" . DC  A 1 8  ? -11.377 9.921   1.051  1.00 26.28 ? 8   DC  A "C5'" 1 
ATOM   148 C  "C4'" . DC  A 1 8  ? -12.506 8.909   1.018  1.00 24.24 ? 8   DC  A "C4'" 1 
ATOM   149 O  "O4'" . DC  A 1 8  ? -12.200 7.864   0.065  1.00 23.92 ? 8   DC  A "O4'" 1 
ATOM   150 C  "C3'" . DC  A 1 8  ? -12.798 8.192   2.329  1.00 24.65 ? 8   DC  A "C3'" 1 
ATOM   151 O  "O3'" . DC  A 1 8  ? -14.194 7.991   2.444  1.00 24.17 ? 8   DC  A "O3'" 1 
ATOM   152 C  "C2'" . DC  A 1 8  ? -12.069 6.860   2.159  1.00 23.99 ? 8   DC  A "C2'" 1 
ATOM   153 C  "C1'" . DC  A 1 8  ? -12.305 6.594   0.690  1.00 21.34 ? 8   DC  A "C1'" 1 
ATOM   154 N  N1    . DC  A 1 8  ? -11.297 5.741   0.042  1.00 19.29 ? 8   DC  A N1    1 
ATOM   155 C  C2    . DC  A 1 8  ? -11.539 5.281   -1.241 1.00 18.46 ? 8   DC  A C2    1 
ATOM   156 O  O2    . DC  A 1 8  ? -12.626 5.550   -1.769 1.00 19.20 ? 8   DC  A O2    1 
ATOM   157 N  N3    . DC  A 1 8  ? -10.598 4.540   -1.866 1.00 17.25 ? 8   DC  A N3    1 
ATOM   158 C  C4    . DC  A 1 8  ? -9.448  4.271   -1.250 1.00 18.30 ? 8   DC  A C4    1 
ATOM   159 N  N4    . DC  A 1 8  ? -8.545  3.550   -1.910 1.00 19.72 ? 8   DC  A N4    1 
ATOM   160 C  C5    . DC  A 1 8  ? -9.186  4.723   0.059  1.00 17.64 ? 8   DC  A C5    1 
ATOM   161 C  C6    . DC  A 1 8  ? -10.120 5.467   0.660  1.00 20.67 ? 8   DC  A C6    1 
ATOM   162 P  P     . DG  A 1 9  ? -15.108 9.089   3.172  1.00 26.49 ? 9   DG  A P     1 
ATOM   163 O  OP1   . DG  A 1 9  ? -14.775 10.405  2.606  1.00 28.97 ? 9   DG  A OP1   1 
ATOM   164 O  OP2   . DG  A 1 9  ? -15.022 8.839   4.621  1.00 29.02 ? 9   DG  A OP2   1 
ATOM   165 O  "O5'" . DG  A 1 9  ? -16.595 8.711   2.723  1.00 26.32 ? 9   DG  A "O5'" 1 
ATOM   166 C  "C5'" . DG  A 1 9  ? -16.989 8.837   1.369  1.00 24.46 ? 9   DG  A "C5'" 1 
ATOM   167 C  "C4'" . DG  A 1 9  ? -17.848 7.662   0.933  1.00 23.53 ? 9   DG  A "C4'" 1 
ATOM   168 O  "O4'" . DG  A 1 9  ? -16.993 6.561   0.533  1.00 24.51 ? 9   DG  A "O4'" 1 
ATOM   169 C  "C3'" . DG  A 1 9  ? -18.763 7.072   2.000  1.00 25.77 ? 9   DG  A "C3'" 1 
ATOM   170 O  "O3'" . DG  A 1 9  ? -19.860 6.443   1.369  1.00 27.49 ? 9   DG  A "O3'" 1 
ATOM   171 C  "C2'" . DG  A 1 9  ? -17.861 6.026   2.628  1.00 24.00 ? 9   DG  A "C2'" 1 
ATOM   172 C  "C1'" . DG  A 1 9  ? -17.230 5.452   1.374  1.00 23.35 ? 9   DG  A "C1'" 1 
ATOM   173 N  N9    . DG  A 1 9  ? -15.955 4.791   1.592  1.00 22.80 ? 9   DG  A N9    1 
ATOM   174 C  C8    . DG  A 1 9  ? -15.196 4.802   2.728  1.00 22.64 ? 9   DG  A C8    1 
ATOM   175 N  N7    . DG  A 1 9  ? -14.088 4.128   2.609  1.00 22.94 ? 9   DG  A N7    1 
ATOM   176 C  C5    . DG  A 1 9  ? -14.125 3.644   1.305  1.00 18.96 ? 9   DG  A C5    1 
ATOM   177 C  C6    . DG  A 1 9  ? -13.199 2.843   0.599  1.00 18.28 ? 9   DG  A C6    1 
ATOM   178 O  O6    . DG  A 1 9  ? -12.113 2.392   0.986  1.00 18.32 ? 9   DG  A O6    1 
ATOM   179 N  N1    . DG  A 1 9  ? -13.634 2.573   -0.691 1.00 17.97 ? 9   DG  A N1    1 
ATOM   180 C  C2    . DG  A 1 9  ? -14.810 3.024   -1.232 1.00 19.60 ? 9   DG  A C2    1 
ATOM   181 N  N2    . DG  A 1 9  ? -15.041 2.683   -2.497 1.00 18.51 ? 9   DG  A N2    1 
ATOM   182 N  N3    . DG  A 1 9  ? -15.679 3.777   -0.584 1.00 18.56 ? 9   DG  A N3    1 
ATOM   183 C  C4    . DG  A 1 9  ? -15.272 4.043   0.677  1.00 19.11 ? 9   DG  A C4    1 
ATOM   184 P  P     . DG  A 1 10 ? -21.313 7.120   1.372  1.00 26.69 ? 10  DG  A P     1 
ATOM   185 O  OP1   . DG  A 1 10 ? -21.291 8.414   0.671  1.00 29.37 ? 10  DG  A OP1   1 
ATOM   186 O  OP2   . DG  A 1 10 ? -21.695 7.037   2.794  1.00 28.00 ? 10  DG  A OP2   1 
ATOM   187 O  "O5'" . DG  A 1 10 ? -22.166 6.111   0.472  1.00 26.08 ? 10  DG  A "O5'" 1 
ATOM   188 C  "C5'" . DG  A 1 10 ? -21.907 6.028   -0.928 1.00 21.67 ? 10  DG  A "C5'" 1 
ATOM   189 C  "C4'" . DG  A 1 10 ? -22.020 4.597   -1.435 1.00 24.63 ? 10  DG  A "C4'" 1 
ATOM   190 O  "O4'" . DG  A 1 10 ? -20.851 3.839   -1.049 1.00 23.86 ? 10  DG  A "O4'" 1 
ATOM   191 C  "C3'" . DG  A 1 10 ? -23.210 3.802   -0.917 1.00 23.56 ? 10  DG  A "C3'" 1 
ATOM   192 O  "O3'" . DG  A 1 10 ? -23.640 2.910   -1.926 1.00 25.94 ? 10  DG  A "O3'" 1 
ATOM   193 C  "C2'" . DG  A 1 10 ? -22.621 3.046   0.270  1.00 24.96 ? 10  DG  A "C2'" 1 
ATOM   194 C  "C1'" . DG  A 1 10 ? -21.226 2.739   -0.245 1.00 22.65 ? 10  DG  A "C1'" 1 
ATOM   195 N  N9    . DG  A 1 10 ? -20.218 2.598   0.794  1.00 23.16 ? 10  DG  A N9    1 
ATOM   196 C  C8    . DG  A 1 10 ? -20.238 3.125   2.056  1.00 23.87 ? 10  DG  A C8    1 
ATOM   197 N  N7    . DG  A 1 10 ? -19.163 2.840   2.750  1.00 25.58 ? 10  DG  A N7    1 
ATOM   198 C  C5    . DG  A 1 10 ? -18.387 2.095   1.875  1.00 23.12 ? 10  DG  A C5    1 
ATOM   199 C  C6    . DG  A 1 10 ? -17.117 1.517   2.052  1.00 21.95 ? 10  DG  A C6    1 
ATOM   200 O  O6    . DG  A 1 10 ? -16.407 1.545   3.045  1.00 22.98 ? 10  DG  A O6    1 
ATOM   201 N  N1    . DG  A 1 10 ? -16.696 0.837   0.917  1.00 20.15 ? 10  DG  A N1    1 
ATOM   202 C  C2    . DG  A 1 10 ? -17.411 0.741   -0.246 1.00 21.81 ? 10  DG  A C2    1 
ATOM   203 N  N2    . DG  A 1 10 ? -16.843 0.058   -1.245 1.00 21.66 ? 10  DG  A N2    1 
ATOM   204 N  N3    . DG  A 1 10 ? -18.598 1.283   -0.426 1.00 21.50 ? 10  DG  A N3    1 
ATOM   205 C  C4    . DG  A 1 10 ? -19.024 1.941   0.673  1.00 22.01 ? 10  DG  A C4    1 
ATOM   206 O  "O5'" . DC  B 1 1  ? 3.316   16.541  -2.655 1.00 26.04 ? 11  DC  B "O5'" 1 
ATOM   207 C  "C5'" . DC  B 1 1  ? 3.986   17.630  -3.280 1.00 27.49 ? 11  DC  B "C5'" 1 
ATOM   208 C  "C4'" . DC  B 1 1  ? 5.265   17.980  -2.541 1.00 22.94 ? 11  DC  B "C4'" 1 
ATOM   209 O  "O4'" . DC  B 1 1  ? 4.952   18.334  -1.179 1.00 20.71 ? 11  DC  B "O4'" 1 
ATOM   210 C  "C3'" . DC  B 1 1  ? 6.300   16.864  -2.458 1.00 22.27 ? 11  DC  B "C3'" 1 
ATOM   211 O  "O3'" . DC  B 1 1  ? 7.569   17.409  -2.689 1.00 24.16 ? 11  DC  B "O3'" 1 
ATOM   212 C  "C2'" . DC  B 1 1  ? 6.163   16.373  -1.016 1.00 21.06 ? 11  DC  B "C2'" 1 
ATOM   213 C  "C1'" . DC  B 1 1  ? 5.815   17.669  -0.310 1.00 19.48 ? 11  DC  B "C1'" 1 
ATOM   214 N  N1    . DC  B 1 1  ? 5.094   17.485  0.958  1.00 21.11 ? 11  DC  B N1    1 
ATOM   215 C  C2    . DC  B 1 1  ? 5.806   17.190  2.114  1.00 18.95 ? 11  DC  B C2    1 
ATOM   216 O  O2    . DC  B 1 1  ? 7.035   17.089  2.047  1.00 22.54 ? 11  DC  B O2    1 
ATOM   217 N  N3    . DC  B 1 1  ? 5.137   17.041  3.273  1.00 18.27 ? 11  DC  B N3    1 
ATOM   218 C  C4    . DC  B 1 1  ? 3.818   17.160  3.300  1.00 19.88 ? 11  DC  B C4    1 
ATOM   219 N  N4    . DC  B 1 1  ? 3.211   17.003  4.474  1.00 24.03 ? 11  DC  B N4    1 
ATOM   220 C  C5    . DC  B 1 1  ? 3.070   17.457  2.128  1.00 20.96 ? 11  DC  B C5    1 
ATOM   221 C  C6    . DC  B 1 1  ? 3.744   17.613  0.990  1.00 21.20 ? 11  DC  B C6    1 
ATOM   222 P  P     . DC  B 1 2  ? 8.415   16.964  -3.971 1.00 26.23 ? 12  DC  B P     1 
ATOM   223 O  OP1   . DC  B 1 2  ? 9.635   17.792  -4.004 1.00 29.71 ? 12  DC  B OP1   1 
ATOM   224 O  OP2   . DC  B 1 2  ? 7.483   16.890  -5.098 1.00 25.50 ? 12  DC  B OP2   1 
ATOM   225 O  "O5'" . DC  B 1 2  ? 8.763   15.428  -3.689 1.00 23.43 ? 12  DC  B "O5'" 1 
ATOM   226 C  "C5'" . DC  B 1 2  ? 9.935   15.067  -3.044 1.00 23.51 ? 12  DC  B "C5'" 1 
ATOM   227 C  "C4'" . DC  B 1 2  ? 9.805   13.652  -2.528 1.00 19.42 ? 12  DC  B "C4'" 1 
ATOM   228 O  "O4'" . DC  B 1 2  ? 8.726   13.606  -1.578 1.00 20.34 ? 12  DC  B "O4'" 1 
ATOM   229 C  "C3'" . DC  B 1 2  ? 9.460   12.606  -3.589 1.00 20.43 ? 12  DC  B "C3'" 1 
ATOM   230 O  "O3'" . DC  B 1 2  ? 10.250  11.465  -3.366 1.00 22.09 ? 12  DC  B "O3'" 1 
ATOM   231 C  "C2'" . DC  B 1 2  ? 7.972   12.318  -3.329 1.00 20.24 ? 12  DC  B "C2'" 1 
ATOM   232 C  "C1'" . DC  B 1 2  ? 7.936   12.464  -1.827 1.00 18.71 ? 12  DC  B "C1'" 1 
ATOM   233 N  N1    . DC  B 1 2  ? 6.622   12.732  -1.243 1.00 15.17 ? 12  DC  B N1    1 
ATOM   234 C  C2    . DC  B 1 2  ? 6.511   12.757  0.137  1.00 15.34 ? 12  DC  B C2    1 
ATOM   235 O  O2    . DC  B 1 2  ? 7.509   12.494  0.817  1.00 16.30 ? 12  DC  B O2    1 
ATOM   236 N  N3    . DC  B 1 2  ? 5.321   13.043  0.697  1.00 16.79 ? 12  DC  B N3    1 
ATOM   237 C  C4    . DC  B 1 2  ? 4.271   13.296  -0.070 1.00 16.92 ? 12  DC  B C4    1 
ATOM   238 N  N4    . DC  B 1 2  ? 3.129   13.596  0.536  1.00 19.08 ? 12  DC  B N4    1 
ATOM   239 C  C5    . DC  B 1 2  ? 4.363   13.296  -1.487 1.00 16.16 ? 12  DC  B C5    1 
ATOM   240 C  C6    . DC  B 1 2  ? 5.549   13.014  -2.029 1.00 18.61 ? 12  DC  B C6    1 
ATOM   241 P  P     . DG  B 1 3  ? 11.625  11.258  -4.165 1.00 24.97 ? 13  DG  B P     1 
ATOM   242 O  OP1   . DG  B 1 3  ? 12.385  12.518  -4.158 1.00 25.11 ? 13  DG  B OP1   1 
ATOM   243 O  OP2   . DG  B 1 3  ? 11.249  10.574  -5.415 1.00 28.33 ? 13  DG  B OP2   1 
ATOM   244 O  "O5'" . DG  B 1 3  ? 12.407  10.155  -3.307 1.00 23.28 ? 13  DG  B "O5'" 1 
ATOM   245 C  "C5'" . DG  B 1 3  ? 12.894  10.460  -2.007 1.00 21.21 ? 13  DG  B "C5'" 1 
ATOM   246 C  "C4'" . DG  B 1 3  ? 12.513  9.380   -1.002 1.00 19.70 ? 13  DG  B "C4'" 1 
ATOM   247 O  "O4'" . DG  B 1 3  ? 11.094  9.484   -0.676 1.00 19.38 ? 13  DG  B "O4'" 1 
ATOM   248 C  "C3'" . DG  B 1 3  ? 12.703  7.937   -1.466 1.00 21.00 ? 13  DG  B "C3'" 1 
ATOM   249 O  "O3'" . DG  B 1 3  ? 12.950  7.131   -0.345 1.00 22.05 ? 13  DG  B "O3'" 1 
ATOM   250 C  "C2'" . DG  B 1 3  ? 11.323  7.611   -2.031 1.00 20.89 ? 13  DG  B "C2'" 1 
ATOM   251 C  "C1'" . DG  B 1 3  ? 10.466  8.242   -0.955 1.00 19.83 ? 13  DG  B "C1'" 1 
ATOM   252 N  N9    . DG  B 1 3  ? 9.096   8.517   -1.356 1.00 17.42 ? 13  DG  B N9    1 
ATOM   253 C  C8    . DG  B 1 3  ? 8.587   8.559   -2.627 1.00 19.09 ? 13  DG  B C8    1 
ATOM   254 N  N7    . DG  B 1 3  ? 7.323   8.860   -2.660 1.00 18.23 ? 13  DG  B N7    1 
ATOM   255 C  C5    . DG  B 1 3  ? 6.978   9.041   -1.327 1.00 15.74 ? 13  DG  B C5    1 
ATOM   256 C  C6    . DG  B 1 3  ? 5.747   9.401   -0.735 1.00 14.54 ? 13  DG  B C6    1 
ATOM   257 O  O6    . DG  B 1 3  ? 4.657   9.629   -1.285 1.00 16.50 ? 13  DG  B O6    1 
ATOM   258 N  N1    . DG  B 1 3  ? 5.840   9.468   0.647  1.00 12.81 ? 13  DG  B N1    1 
ATOM   259 C  C2    . DG  B 1 3  ? 6.999   9.245   1.366  1.00 14.82 ? 13  DG  B C2    1 
ATOM   260 N  N2    . DG  B 1 3  ? 6.910   9.376   2.683  1.00 16.35 ? 13  DG  B N2    1 
ATOM   261 N  N3    . DG  B 1 3  ? 8.138   8.905   0.827  1.00 16.03 ? 13  DG  B N3    1 
ATOM   262 C  C4    . DG  B 1 3  ? 8.067   8.836   -0.519 1.00 15.74 ? 13  DG  B C4    1 
ATOM   263 P  P     . DG  B 1 4  ? 14.391  6.481   -0.079 1.00 21.15 ? 14  DG  B P     1 
ATOM   264 O  OP1   . DG  B 1 4  ? 15.397  7.576   -0.056 1.00 20.30 ? 14  DG  B OP1   1 
ATOM   265 O  OP2   . DG  B 1 4  ? 14.541  5.329   -0.991 1.00 21.12 ? 14  DG  B OP2   1 
ATOM   266 O  "O5'" . DG  B 1 4  ? 14.252  5.879   1.377  1.00 20.72 ? 14  DG  B "O5'" 1 
ATOM   267 C  "C5'" . DG  B 1 4  ? 14.115  6.718   2.467  1.00 19.21 ? 14  DG  B "C5'" 1 
ATOM   268 C  "C4'" . DG  B 1 4  ? 13.172  6.135   3.494  1.00 18.45 ? 14  DG  B "C4'" 1 
ATOM   269 O  "O4'" . DG  B 1 4  ? 11.811  6.223   3.014  1.00 18.67 ? 14  DG  B "O4'" 1 
ATOM   270 C  "C3'" . DG  B 1 4  ? 13.394  4.672   3.851  1.00 22.22 ? 14  DG  B "C3'" 1 
ATOM   271 O  "O3'" . DG  B 1 4  ? 13.070  4.526   5.191  1.00 22.79 ? 14  DG  B "O3'" 1 
ATOM   272 C  "C2'" . DG  B 1 4  ? 12.403  3.945   2.941  1.00 19.66 ? 14  DG  B "C2'" 1 
ATOM   273 C  "C1'" . DG  B 1 4  ? 11.245  4.937   2.889  1.00 20.93 ? 14  DG  B "C1'" 1 
ATOM   274 N  N9    . DG  B 1 4  ? 10.487  4.941   1.641  1.00 19.19 ? 14  DG  B N9    1 
ATOM   275 C  C8    . DG  B 1 4  ? 10.953  4.732   0.372  1.00 17.79 ? 14  DG  B C8    1 
ATOM   276 N  N7    . DG  B 1 4  ? 10.025  4.852   -0.546 1.00 21.08 ? 14  DG  B N7    1 
ATOM   277 C  C5    . DG  B 1 4  ? 8.887   5.183   0.164  1.00 16.66 ? 14  DG  B C5    1 
ATOM   278 C  C6    . DG  B 1 4  ? 7.578   5.449   -0.290 1.00 17.44 ? 14  DG  B C6    1 
ATOM   279 O  O6    . DG  B 1 4  ? 7.159   5.449   -1.453 1.00 21.08 ? 14  DG  B O6    1 
ATOM   280 N  N1    . DG  B 1 4  ? 6.724   5.766   0.765  1.00 17.13 ? 14  DG  B N1    1 
ATOM   281 C  C2    . DG  B 1 4  ? 7.085   5.792   2.081  1.00 17.95 ? 14  DG  B C2    1 
ATOM   282 N  N2    . DG  B 1 4  ? 6.136   6.114   2.961  1.00 17.92 ? 14  DG  B N2    1 
ATOM   283 N  N3    . DG  B 1 4  ? 8.315   5.559   2.514  1.00 17.08 ? 14  DG  B N3    1 
ATOM   284 C  C4    . DG  B 1 4  ? 9.152   5.248   1.502  1.00 16.00 ? 14  DG  B C4    1 
ATOM   285 P  P     . DC  B 1 5  ? 13.151  3.116   5.944  1.00 26.91 ? 15  DC  B P     1 
ATOM   286 O  OP1   . DC  B 1 5  ? 13.559  3.472   7.319  1.00 25.39 ? 15  DC  B OP1   1 
ATOM   287 O  OP2   . DC  B 1 5  ? 13.824  2.099   5.113  1.00 26.38 ? 15  DC  B OP2   1 
ATOM   288 O  "O5'" . DC  B 1 5  ? 11.641  2.688   6.062  1.00 27.18 ? 15  DC  B "O5'" 1 
ATOM   289 C  "C5'" . DC  B 1 5  ? 10.732  3.592   6.605  1.00 25.57 ? 15  DC  B "C5'" 1 
ATOM   290 C  "C4'" . DC  B 1 5  ? 9.346   3.045   6.469  1.00 24.46 ? 15  DC  B "C4'" 1 
ATOM   291 O  "O4'" . DC  B 1 5  ? 8.879   3.203   5.116  1.00 24.43 ? 15  DC  B "O4'" 1 
ATOM   292 C  "C3'" . DC  B 1 5  ? 9.230   1.555   6.782  1.00 27.91 ? 15  DC  B "C3'" 1 
ATOM   293 O  "O3'" . DC  B 1 5  ? 8.304   1.422   7.807  1.00 33.18 ? 15  DC  B "O3'" 1 
ATOM   294 C  "C2'" . DC  B 1 5  ? 8.727   0.936   5.463  1.00 26.69 ? 15  DC  B "C2'" 1 
ATOM   295 C  "C1'" . DC  B 1 5  ? 8.039   2.134   4.833  1.00 22.98 ? 15  DC  B "C1'" 1 
ATOM   296 N  N1    . DC  B 1 5  ? 7.878   2.077   3.373  1.00 21.35 ? 15  DC  B N1    1 
ATOM   297 C  C2    . DC  B 1 5  ? 6.612   2.313   2.820  1.00 21.50 ? 15  DC  B C2    1 
ATOM   298 O  O2    . DC  B 1 5  ? 5.664   2.535   3.577  1.00 22.78 ? 15  DC  B O2    1 
ATOM   299 N  N3    . DC  B 1 5  ? 6.468   2.286   1.474  1.00 18.34 ? 15  DC  B N3    1 
ATOM   300 C  C4    . DC  B 1 5  ? 7.521   2.038   0.697  1.00 19.97 ? 15  DC  B C4    1 
ATOM   301 N  N4    . DC  B 1 5  ? 7.331   2.026   -0.620 1.00 20.25 ? 15  DC  B N4    1 
ATOM   302 C  C5    . DC  B 1 5  ? 8.825   1.804   1.248  1.00 20.82 ? 15  DC  B C5    1 
ATOM   303 C  C6    . DC  B 1 5  ? 8.950   1.841   2.576  1.00 18.75 ? 15  DC  B C6    1 
ATOM   304 P  P     . DG  B 1 6  ? 8.295   0.150   8.772  1.00 29.63 ? 16  DG  B P     1 
ATOM   305 O  OP1   . DG  B 1 6  ? 8.671   0.641   10.109 1.00 34.09 ? 16  DG  B OP1   1 
ATOM   306 O  OP2   . DG  B 1 6  ? 8.963   -0.999  8.113  1.00 31.06 ? 16  DG  B OP2   1 
ATOM   307 O  "O5'" . DG  B 1 6  ? 6.753   -0.178  8.859  1.00 26.51 ? 16  DG  B "O5'" 1 
ATOM   308 C  "C5'" . DG  B 1 6  ? 5.836   0.870   8.881  1.00 28.18 ? 16  DG  B "C5'" 1 
ATOM   309 C  "C4'" . DG  B 1 6  ? 4.505   0.391   8.377  1.00 29.36 ? 16  DG  B "C4'" 1 
ATOM   310 O  "O4'" . DG  B 1 6  ? 4.511   0.386   6.934  1.00 28.16 ? 16  DG  B "O4'" 1 
ATOM   311 C  "C3'" . DG  B 1 6  ? 4.143   -1.022  8.810  1.00 30.98 ? 16  DG  B "C3'" 1 
ATOM   312 O  "O3'" . DG  B 1 6  ? 2.796   -1.047  9.202  1.00 35.51 ? 16  DG  B "O3'" 1 
ATOM   313 C  "C2'" . DG  B 1 6  ? 4.393   -1.868  7.558  1.00 29.45 ? 16  DG  B "C2'" 1 
ATOM   314 C  "C1'" . DG  B 1 6  ? 4.094   -0.874  6.447  1.00 27.41 ? 16  DG  B "C1'" 1 
ATOM   315 N  N9    . DG  B 1 6  ? 4.855   -1.101  5.241  1.00 27.06 ? 16  DG  B N9    1 
ATOM   316 C  C8    . DG  B 1 6  ? 6.176   -1.432  5.171  1.00 23.86 ? 16  DG  B C8    1 
ATOM   317 N  N7    . DG  B 1 6  ? 6.627   -1.517  3.963  1.00 24.68 ? 16  DG  B N7    1 
ATOM   318 C  C5    . DG  B 1 6  ? 5.543   -1.183  3.168  1.00 22.92 ? 16  DG  B C5    1 
ATOM   319 C  C6    . DG  B 1 6  ? 5.446   -1.103  1.771  1.00 21.68 ? 16  DG  B C6    1 
ATOM   320 O  O6    . DG  B 1 6  ? 6.334   -1.303  0.936  1.00 26.10 ? 16  DG  B O6    1 
ATOM   321 N  N1    . DG  B 1 6  ? 4.175   -0.741  1.365  1.00 21.13 ? 16  DG  B N1    1 
ATOM   322 C  C2    . DG  B 1 6  ? 3.120   -0.492  2.196  1.00 20.00 ? 16  DG  B C2    1 
ATOM   323 N  N2    . DG  B 1 6  ? 1.958   -0.166  1.600  1.00 22.31 ? 16  DG  B N2    1 
ATOM   324 N  N3    . DG  B 1 6  ? 3.193   -0.550  3.523  1.00 25.47 ? 16  DG  B N3    1 
ATOM   325 C  C4    . DG  B 1 6  ? 4.436   -0.921  3.934  1.00 22.02 ? 16  DG  B C4    1 
HETATM 326 P  P     . 5HC B 1 7  ? 2.109   -2.421  9.634  1.00 35.72 ? 17  5HC B P     1 
HETATM 327 O  OP1   . 5HC B 1 7  ? 1.067   -2.105  10.677 1.00 38.97 ? 17  5HC B OP1   1 
HETATM 328 O  OP2   . 5HC B 1 7  ? 3.139   -3.416  10.108 1.00 31.03 ? 17  5HC B OP2   1 
HETATM 329 O  "O5'" . 5HC B 1 7  ? 1.420   -2.934  8.296  1.00 37.90 ? 17  5HC B "O5'" 1 
HETATM 330 C  "C5'" . 5HC B 1 7  ? 0.416   -2.076  7.741  1.00 33.55 ? 17  5HC B "C5'" 1 
HETATM 331 C  "C4'" . 5HC B 1 7  ? 0.230   -2.467  6.436  1.00 33.09 ? 17  5HC B "C4'" 1 
HETATM 332 O  "O4'" . 5HC B 1 7  ? 1.594   -2.650  5.696  1.00 31.24 ? 17  5HC B "O4'" 1 
HETATM 333 C  "C3'" . 5HC B 1 7  ? -0.389  -3.870  6.339  1.00 29.53 ? 17  5HC B "C3'" 1 
HETATM 334 O  "O3'" . 5HC B 1 7  ? -1.827  -3.629  6.083  1.00 32.89 ? 17  5HC B "O3'" 1 
HETATM 335 C  "C2'" . 5HC B 1 7  ? 0.214   -4.514  5.345  1.00 27.79 ? 17  5HC B "C2'" 1 
HETATM 336 C  "C1'" . 5HC B 1 7  ? 1.331   -3.470  4.741  1.00 28.66 ? 17  5HC B "C1'" 1 
HETATM 337 N  N1    . 5HC B 1 7  ? 2.561   -3.942  4.259  1.00 26.27 ? 17  5HC B N1    1 
HETATM 338 C  C2    . 5HC B 1 7  ? 2.767   -3.992  2.952  1.00 23.58 ? 17  5HC B C2    1 
HETATM 339 O  O2    . 5HC B 1 7  ? 1.870   -3.691  2.206  1.00 25.09 ? 17  5HC B O2    1 
HETATM 340 N  N3    . 5HC B 1 7  ? 3.909   -4.369  2.427  1.00 24.46 ? 17  5HC B N3    1 
HETATM 341 C  C4    . 5HC B 1 7  ? 4.934   -4.714  3.220  1.00 26.26 ? 17  5HC B C4    1 
HETATM 342 N  N4    . 5HC B 1 7  ? 6.178   -5.125  2.635  1.00 28.59 ? 17  5HC B N4    1 
HETATM 343 C  C5    . 5HC B 1 7  ? 4.791   -4.664  4.623  1.00 26.86 ? 17  5HC B C5    1 
HETATM 344 C  C5M   . 5HC B 1 7  ? 5.939   -5.047  5.543  1.00 26.15 ? 17  5HC B C5M   1 
HETATM 345 O  O5    . 5HC B 1 7  ? 5.898   -6.439  5.788  1.00 31.73 ? 17  5HC B O5    1 
HETATM 346 C  C6    . 5HC B 1 7  ? 3.544   -4.237  5.130  1.00 27.70 ? 17  5HC B C6    1 
ATOM   347 P  P     . DC  B 1 8  ? -2.927  -4.626  6.681  1.00 39.57 ? 18  DC  B P     1 
ATOM   348 O  OP1   . DC  B 1 8  ? -4.100  -3.799  7.050  1.00 38.49 ? 18  DC  B OP1   1 
ATOM   349 O  OP2   . DC  B 1 8  ? -2.300  -5.538  7.671  1.00 37.98 ? 18  DC  B OP2   1 
ATOM   350 O  "O5'" . DC  B 1 8  ? -3.318  -5.479  5.412  1.00 33.34 ? 18  DC  B "O5'" 1 
ATOM   351 C  "C5'" . DC  B 1 8  ? -3.291  -4.887  4.117  1.00 28.18 ? 18  DC  B "C5'" 1 
ATOM   352 C  "C4'" . DC  B 1 8  ? -3.424  -5.973  3.083  1.00 30.64 ? 18  DC  B "C4'" 1 
ATOM   353 O  "O4'" . DC  B 1 8  ? -2.107  -6.326  2.595  1.00 27.67 ? 18  DC  B "O4'" 1 
ATOM   354 C  "C3'" . DC  B 1 8  ? -4.014  -7.268  3.646  1.00 31.74 ? 18  DC  B "C3'" 1 
ATOM   355 O  "O3'" . DC  B 1 8  ? -4.760  -7.935  2.656  1.00 32.09 ? 18  DC  B "O3'" 1 
ATOM   356 C  "C2'" . DC  B 1 8  ? -2.774  -8.067  4.022  1.00 28.23 ? 18  DC  B "C2'" 1 
ATOM   357 C  "C1'" . DC  B 1 8  ? -1.841  -7.687  2.891  1.00 26.31 ? 18  DC  B "C1'" 1 
ATOM   358 N  N1    . DC  B 1 8  ? -0.431  -7.801  3.257  1.00 22.68 ? 18  DC  B N1    1 
ATOM   359 C  C2    . DC  B 1 8  ? 0.523   -7.773  2.259  1.00 23.30 ? 18  DC  B C2    1 
ATOM   360 O  O2    . DC  B 1 8  ? 0.156   -7.661  1.092  1.00 24.64 ? 18  DC  B O2    1 
ATOM   361 N  N3    . DC  B 1 8  ? 1.828   -7.871  2.596  1.00 21.99 ? 18  DC  B N3    1 
ATOM   362 C  C4    . DC  B 1 8  ? 2.180   -7.998  3.877  1.00 25.46 ? 18  DC  B C4    1 
ATOM   363 N  N4    . DC  B 1 8  ? 3.484   -8.095  4.162  1.00 24.99 ? 18  DC  B N4    1 
ATOM   364 C  C5    . DC  B 1 8  ? 1.211   -8.033  4.922  1.00 26.34 ? 18  DC  B C5    1 
ATOM   365 C  C6    . DC  B 1 8  ? -0.077  -7.932  4.566  1.00 26.68 ? 18  DC  B C6    1 
ATOM   366 P  P     A DG  B 1 9  ? -6.232  -7.432  2.295  0.44 34.67 ? 19  DG  B P     1 
ATOM   367 P  P     B DG  B 1 9  ? -6.340  -7.662  2.493  0.56 34.18 ? 19  DG  B P     1 
ATOM   368 O  OP1   A DG  B 1 9  ? -6.557  -6.234  3.106  0.44 32.82 ? 19  DG  B OP1   1 
ATOM   369 O  OP1   B DG  B 1 9  ? -6.543  -6.219  2.233  0.56 32.67 ? 19  DG  B OP1   1 
ATOM   370 O  OP2   A DG  B 1 9  ? -7.110  -8.618  2.375  0.44 31.77 ? 19  DG  B OP2   1 
ATOM   371 O  OP2   B DG  B 1 9  ? -6.941  -8.321  3.674  0.56 29.06 ? 19  DG  B OP2   1 
ATOM   372 O  "O5'" A DG  B 1 9  ? -6.064  -7.027  0.775  0.44 27.78 ? 19  DG  B "O5'" 1 
ATOM   373 O  "O5'" B DG  B 1 9  ? -6.759  -8.421  1.138  0.56 29.93 ? 19  DG  B "O5'" 1 
ATOM   374 C  "C5'" . DG  B 1 9  ? -6.748  -7.739  -0.148 1.00 30.24 ? 19  DG  B "C5'" 1 
ATOM   375 C  "C4'" . DG  B 1 9  ? -5.865  -8.495  -1.129 1.00 27.15 ? 19  DG  B "C4'" 1 
ATOM   376 O  "O4'" . DG  B 1 9  ? -4.561  -8.815  -0.559 1.00 29.11 ? 19  DG  B "O4'" 1 
ATOM   377 C  "C3'" . DG  B 1 9  ? -6.451  -9.839  -1.535 1.00 28.91 ? 19  DG  B "C3'" 1 
ATOM   378 O  "O3'" A DG  B 1 9  ? -6.104  -10.123 -2.868 0.44 29.51 ? 19  DG  B "O3'" 1 
ATOM   379 O  "O3'" B DG  B 1 9  ? -6.103  -10.122 -2.868 0.56 29.49 ? 19  DG  B "O3'" 1 
ATOM   380 C  "C2'" . DG  B 1 9  ? -5.765  -10.798 -0.567 1.00 29.08 ? 19  DG  B "C2'" 1 
ATOM   381 C  "C1'" . DG  B 1 9  ? -4.368  -10.225 -0.603 1.00 27.62 ? 19  DG  B "C1'" 1 
ATOM   382 N  N9    . DG  B 1 9  ? -3.528  -10.585 0.522  1.00 26.62 ? 19  DG  B N9    1 
ATOM   383 C  C8    . DG  B 1 9  ? -3.911  -10.820 1.820  1.00 24.57 ? 19  DG  B C8    1 
ATOM   384 N  N7    . DG  B 1 9  ? -2.906  -11.060 2.615  1.00 28.11 ? 19  DG  B N7    1 
ATOM   385 C  C5    . DG  B 1 9  ? -1.796  -10.958 1.791  1.00 23.78 ? 19  DG  B C5    1 
ATOM   386 C  C6    . DG  B 1 9  ? -0.428  -11.105 2.093  1.00 21.52 ? 19  DG  B C6    1 
ATOM   387 O  O6    . DG  B 1 9  ? 0.086   -11.374 3.178  1.00 25.52 ? 19  DG  B O6    1 
ATOM   388 N  N1    . DG  B 1 9  ? 0.368   -10.927 0.971  1.00 19.33 ? 19  DG  B N1    1 
ATOM   389 C  C2    . DG  B 1 9  ? -0.095  -10.619 -0.280 1.00 22.30 ? 19  DG  B C2    1 
ATOM   390 N  N2    . DG  B 1 9  ? 0.823   -10.475 -1.245 1.00 19.61 ? 19  DG  B N2    1 
ATOM   391 N  N3    . DG  B 1 9  ? -1.376  -10.482 -0.576 1.00 23.45 ? 19  DG  B N3    1 
ATOM   392 C  C4    . DG  B 1 9  ? -2.161  -10.661 0.511  1.00 22.20 ? 19  DG  B C4    1 
ATOM   393 P  P     . DG  B 1 10 ? -7.247  -10.181 -3.990 1.00 29.28 ? 20  DG  B P     1 
ATOM   394 O  OP1   . DG  B 1 10 ? -7.636  -8.780  -4.265 1.00 34.41 ? 20  DG  B OP1   1 
ATOM   395 O  OP2   . DG  B 1 10 ? -8.274  -11.148 -3.546 1.00 31.67 ? 20  DG  B OP2   1 
ATOM   396 O  "O5'" . DG  B 1 10 ? -6.490  -10.725 -5.268 1.00 28.88 ? 20  DG  B "O5'" 1 
ATOM   397 C  "C5'" . DG  B 1 10 ? -5.385  -10.028 -5.774 1.00 26.87 ? 20  DG  B "C5'" 1 
ATOM   398 C  "C4'" . DG  B 1 10 ? -4.327  -10.990 -6.288 1.00 31.72 ? 20  DG  B "C4'" 1 
ATOM   399 O  "O4'" . DG  B 1 10 ? -3.578  -11.532 -5.170 1.00 28.47 ? 20  DG  B "O4'" 1 
ATOM   400 C  "C3'" . DG  B 1 10 ? -4.850  -12.203 -7.045 1.00 28.45 ? 20  DG  B "C3'" 1 
ATOM   401 O  "O3'" . DG  B 1 10 ? -3.884  -12.607 -8.004 1.00 33.29 ? 20  DG  B "O3'" 1 
ATOM   402 C  "C2'" . DG  B 1 10 ? -5.005  -13.239 -5.937 1.00 26.76 ? 20  DG  B "C2'" 1 
ATOM   403 C  "C1'" . DG  B 1 10 ? -3.782  -12.925 -5.080 1.00 25.67 ? 20  DG  B "C1'" 1 
ATOM   404 N  N9    . DG  B 1 10 ? -3.934  -13.248 -3.672 1.00 24.34 ? 20  DG  B N9    1 
ATOM   405 C  C8    . DG  B 1 10 ? -5.096  -13.336 -2.952 1.00 24.43 ? 20  DG  B C8    1 
ATOM   406 N  N7    . DG  B 1 10 ? -4.905  -13.630 -1.694 1.00 27.93 ? 20  DG  B N7    1 
ATOM   407 C  C5    . DG  B 1 10 ? -3.520  -13.702 -1.572 1.00 23.31 ? 20  DG  B C5    1 
ATOM   408 C  C6    . DG  B 1 10 ? -2.711  -13.990 -0.449 1.00 23.87 ? 20  DG  B C6    1 
ATOM   409 O  O6    . DG  B 1 10 ? -3.066  -14.216 0.714  1.00 25.87 ? 20  DG  B O6    1 
ATOM   410 N  N1    . DG  B 1 10 ? -1.362  -13.980 -0.775 1.00 22.15 ? 20  DG  B N1    1 
ATOM   411 C  C2    . DG  B 1 10 ? -0.852  -13.746 -2.021 1.00 22.34 ? 20  DG  B C2    1 
ATOM   412 N  N2    . DG  B 1 10 ? 0.479   -13.782 -2.137 1.00 24.31 ? 20  DG  B N2    1 
ATOM   413 N  N3    . DG  B 1 10 ? -1.591  -13.472 -3.082 1.00 20.71 ? 20  DG  B N3    1 
ATOM   414 C  C4    . DG  B 1 10 ? -2.912  -13.476 -2.782 1.00 22.70 ? 20  DG  B C4    1 
HETATM 415 CA CA    . CA  C 2 .  ? 11.512  11.080  3.185  0.75 21.18 ? 101 CA  B CA    1 
HETATM 416 O  O     . HOH D 3 .  ? -8.596  7.396   3.390  1.00 31.19 ? 101 HOH A O     1 
HETATM 417 O  O     . HOH D 3 .  ? 3.287   -7.029  -4.302 1.00 31.52 ? 102 HOH A O     1 
HETATM 418 O  O     . HOH D 3 .  ? 4.155   -10.152 -3.242 1.00 25.89 ? 103 HOH A O     1 
HETATM 419 O  O     . HOH D 3 .  ? 9.215   -6.119  0.381  1.00 39.67 ? 104 HOH A O     1 
HETATM 420 O  O     . HOH D 3 .  ? 3.435   -15.540 -2.292 1.00 24.72 ? 105 HOH A O     1 
HETATM 421 O  O     . HOH D 3 .  ? -21.928 1.996   -3.646 1.00 26.31 ? 106 HOH A O     1 
HETATM 422 O  O     . HOH D 3 .  ? 3.028   4.216   -5.153 1.00 29.18 ? 107 HOH A O     1 
HETATM 423 O  O     . HOH D 3 .  ? -23.609 9.423   -0.180 1.00 34.72 ? 108 HOH A O     1 
HETATM 424 O  O     . HOH D 3 .  ? 5.804   3.398   -4.236 1.00 27.36 ? 109 HOH A O     1 
HETATM 425 O  O     . HOH D 3 .  ? 4.082   -13.018 -3.123 1.00 30.40 ? 110 HOH A O     1 
HETATM 426 O  O     . HOH D 3 .  ? -12.614 3.496   4.832  1.00 29.94 ? 111 HOH A O     1 
HETATM 427 O  O     . HOH D 3 .  ? 7.312   -0.086  -3.793 1.00 32.82 ? 112 HOH A O     1 
HETATM 428 O  O     . HOH D 3 .  ? 4.212   -14.778 6.427  1.00 24.16 ? 113 HOH A O     1 
HETATM 429 O  O     . HOH D 3 .  ? -18.027 4.514   -1.871 1.00 24.18 ? 114 HOH A O     1 
HETATM 430 O  O     . HOH D 3 .  ? -19.588 1.161   -3.027 1.00 23.44 ? 115 HOH A O     1 
HETATM 431 O  O     . HOH D 3 .  ? 8.158   -12.578 4.596  1.00 27.61 ? 116 HOH A O     1 
HETATM 432 O  O     . HOH D 3 .  ? -15.066 6.961   -1.493 1.00 24.04 ? 117 HOH A O     1 
HETATM 433 O  O     . HOH D 3 .  ? -0.677  2.579   2.297  1.00 24.52 ? 118 HOH A O     1 
HETATM 434 O  O     . HOH D 3 .  ? -5.202  10.176  2.631  1.00 30.54 ? 119 HOH A O     1 
HETATM 435 O  O     . HOH D 3 .  ? 3.760   -12.190 6.215  1.00 27.46 ? 120 HOH A O     1 
HETATM 436 O  O     . HOH D 3 .  ? -5.618  0.613   -0.822 1.00 31.28 ? 121 HOH A O     1 
HETATM 437 O  O     . HOH D 3 .  ? -10.172 2.962   3.041  1.00 29.83 ? 122 HOH A O     1 
HETATM 438 O  O     . HOH D 3 .  ? -5.614  3.316   -8.005 1.00 30.69 ? 123 HOH A O     1 
HETATM 439 O  O     . HOH D 3 .  ? -7.366  1.054   0.495  1.00 27.61 ? 124 HOH A O     1 
HETATM 440 O  O     . HOH D 3 .  ? -17.178 1.568   -4.228 1.00 26.42 ? 125 HOH A O     1 
HETATM 441 O  O     . HOH D 3 .  ? -10.904 10.459  -2.862 1.00 24.86 ? 126 HOH A O     1 
HETATM 442 O  O     . HOH D 3 .  ? -13.068 8.670   -2.701 1.00 27.09 ? 127 HOH A O     1 
HETATM 443 O  O     . HOH D 3 .  ? 5.410   -17.389 -2.274 1.00 31.36 ? 128 HOH A O     1 
HETATM 444 O  O     . HOH D 3 .  ? 7.808   -8.350  3.489  1.00 30.99 ? 129 HOH A O     1 
HETATM 445 O  O     . HOH D 3 .  ? -3.099  3.632   3.077  1.00 29.96 ? 130 HOH A O     1 
HETATM 446 O  O     . HOH D 3 .  ? -23.435 9.526   3.992  1.00 36.55 ? 131 HOH A O     1 
HETATM 447 O  O     . HOH D 3 .  ? -6.141  -0.489  -2.914 1.00 33.19 ? 132 HOH A O     1 
HETATM 448 O  O     . HOH D 3 .  ? 0.953   3.813   4.852  1.00 30.40 ? 133 HOH A O     1 
HETATM 449 O  O     . HOH D 3 .  ? -2.138  -14.040 6.226  1.00 37.51 ? 134 HOH A O     1 
HETATM 450 O  O     . HOH D 3 .  ? -18.177 -0.327  -4.399 1.00 29.21 ? 135 HOH A O     1 
HETATM 451 O  O     . HOH D 3 .  ? -17.073 4.484   -4.666 1.00 28.15 ? 136 HOH A O     1 
HETATM 452 O  O     . HOH D 3 .  ? -18.750 6.972   -2.641 1.00 30.04 ? 137 HOH A O     1 
HETATM 453 O  O     . HOH D 3 .  ? -0.319  -5.463  -3.678 1.00 36.86 ? 138 HOH A O     1 
HETATM 454 O  O     . HOH D 3 .  ? 2.347   -9.401  -5.252 1.00 25.36 ? 139 HOH A O     1 
HETATM 455 O  O     . HOH D 3 .  ? -15.060 9.937   -1.893 1.00 28.01 ? 140 HOH A O     1 
HETATM 456 O  O     . HOH D 3 .  ? -25.992 5.214   1.854  1.00 27.37 ? 141 HOH A O     1 
HETATM 457 O  O     . HOH D 3 .  ? 12.123  -18.359 1.429  1.00 37.71 ? 142 HOH A O     1 
HETATM 458 O  O     . HOH D 3 .  ? -23.325 1.243   -6.004 1.00 29.05 ? 143 HOH A O     1 
HETATM 459 O  O     . HOH D 3 .  ? -20.877 3.897   -5.595 1.00 35.51 ? 144 HOH A O     1 
HETATM 460 O  O     . HOH D 3 .  ? 4.805   -12.552 -6.023 1.00 33.94 ? 145 HOH A O     1 
HETATM 461 O  O     . HOH D 3 .  ? 6.693   3.225   -6.302 1.00 33.28 ? 146 HOH A O     1 
HETATM 462 O  O     . HOH D 3 .  ? 5.977   -21.678 -0.833 1.00 31.60 ? 147 HOH A O     1 
HETATM 463 O  O     . HOH E 3 .  ? -6.505  -4.079  2.633  1.00 32.55 ? 201 HOH B O     1 
HETATM 464 O  O     . HOH E 3 .  ? 12.179  14.301  -5.615 1.00 34.93 ? 202 HOH B O     1 
HETATM 465 O  O     . HOH E 3 .  ? 4.892   3.326   5.724  1.00 30.78 ? 203 HOH B O     1 
HETATM 466 O  O     . HOH E 3 .  ? 7.879   5.026   -3.753 1.00 30.27 ? 204 HOH B O     1 
HETATM 467 O  O     . HOH E 3 .  ? 6.176   8.589   -4.848 1.00 30.00 ? 205 HOH B O     1 
HETATM 468 O  O     . HOH E 3 .  ? 15.535  9.863   0.991  1.00 30.64 ? 206 HOH B O     1 
HETATM 469 O  O     . HOH E 3 .  ? -6.677  -14.622 -0.200 1.00 35.02 ? 207 HOH B O     1 
HETATM 470 O  O     . HOH E 3 .  ? 4.388   10.041  -3.782 1.00 27.19 ? 208 HOH B O     1 
HETATM 471 O  O     . HOH E 3 .  ? 8.750   -1.955  0.444  1.00 29.85 ? 209 HOH B O     1 
HETATM 472 O  O     . HOH E 3 .  ? -6.195  -6.663  -4.854 1.00 36.77 ? 210 HOH B O     1 
HETATM 473 O  O     . HOH E 3 .  ? 8.620   -3.226  3.354  1.00 30.35 ? 211 HOH B O     1 
HETATM 474 O  O     . HOH E 3 .  ? -2.170  -9.848  -3.096 1.00 26.53 ? 212 HOH B O     1 
HETATM 475 O  O     . HOH E 3 .  ? 9.426   17.255  0.765  1.00 22.78 ? 213 HOH B O     1 
HETATM 476 O  O     . HOH E 3 .  ? -8.920  -13.784 -3.757 1.00 33.38 ? 214 HOH B O     1 
HETATM 477 O  O     . HOH E 3 .  ? -9.049  -7.222  -2.482 1.00 31.26 ? 215 HOH B O     1 
HETATM 478 O  O     . HOH E 3 .  ? 10.584  8.642   2.452  1.00 19.79 ? 216 HOH B O     1 
HETATM 479 O  O     . HOH E 3 .  ? 10.486  18.319  -1.379 1.00 29.34 ? 217 HOH B O     1 
HETATM 480 O  O     . HOH E 3 .  ? 3.770   14.814  -4.827 1.00 34.61 ? 218 HOH B O     1 
HETATM 481 O  O     . HOH E 3 .  ? -0.728  -11.258 5.874  1.00 29.58 ? 219 HOH B O     1 
HETATM 482 O  O     . HOH E 3 .  ? 8.759   6.278   5.210  1.00 25.02 ? 220 HOH B O     1 
HETATM 483 O  O     . HOH E 3 .  ? 1.073   17.122  -1.019 1.00 26.30 ? 221 HOH B O     1 
HETATM 484 O  O     . HOH E 3 .  ? 9.608   1.534   -2.256 1.00 30.70 ? 222 HOH B O     1 
HETATM 485 O  O     . HOH E 3 .  ? 10.163  11.490  1.143  1.00 17.32 ? 223 HOH B O     1 
HETATM 486 O  O     . HOH E 3 .  ? -1.576  -2.148  11.824 1.00 32.08 ? 224 HOH B O     1 
HETATM 487 O  O     . HOH E 3 .  ? 10.691  3.819   -3.173 1.00 29.76 ? 225 HOH B O     1 
HETATM 488 O  O     . HOH E 3 .  ? -7.074  -4.606  5.466  1.00 32.48 ? 226 HOH B O     1 
HETATM 489 O  O     . HOH E 3 .  ? 8.221   8.922   5.290  1.00 25.53 ? 227 HOH B O     1 
HETATM 490 O  O     . HOH E 3 .  ? 10.061  14.533  0.891  1.00 21.03 ? 228 HOH B O     1 
HETATM 491 O  O     . HOH E 3 .  ? -1.834  -6.899  -0.977 1.00 30.95 ? 229 HOH B O     1 
HETATM 492 O  O     . HOH E 3 .  ? 13.165  4.369   -3.503 1.00 28.33 ? 230 HOH B O     1 
HETATM 493 O  O     . HOH E 3 .  ? 0.194   17.321  4.620  1.00 29.66 ? 231 HOH B O     1 
HETATM 494 O  O     . HOH E 3 .  ? -0.869  -13.010 -9.388 1.00 32.41 ? 232 HOH B O     1 
HETATM 495 O  O     . HOH E 3 .  ? 9.450   -5.726  3.355  1.00 36.13 ? 233 HOH B O     1 
HETATM 496 O  O     . HOH E 3 .  ? -4.823  -3.947  -0.239 1.00 30.96 ? 234 HOH B O     1 
HETATM 497 O  O     . HOH E 3 .  ? -1.886  -1.191  3.583  1.00 35.19 ? 235 HOH B O     1 
HETATM 498 O  O     . HOH E 3 .  ? 13.125  11.281  1.526  1.00 28.89 ? 236 HOH B O     1 
HETATM 499 O  O     . HOH E 3 .  ? 12.828  9.574   4.335  1.00 28.71 ? 237 HOH B O     1 
HETATM 500 O  O     . HOH E 3 .  ? -7.732  -15.870 -3.512 1.00 32.73 ? 238 HOH B O     1 
HETATM 501 O  O     . HOH E 3 .  ? -3.054  -7.418  -4.117 1.00 34.17 ? 239 HOH B O     1 
HETATM 502 O  O     . HOH E 3 .  ? 2.758   -11.612 -4.787 1.00 29.03 ? 240 HOH B O     1 
HETATM 503 O  O     . HOH E 3 .  ? -4.733  -1.097  3.858  1.00 33.87 ? 241 HOH B O     1 
HETATM 504 O  O     . HOH E 3 .  ? -2.687  -4.396  -1.130 1.00 31.33 ? 242 HOH B O     1 
HETATM 505 O  O     . HOH E 3 .  ? 11.718  12.902  2.034  1.00 23.17 ? 243 HOH B O     1 
HETATM 506 O  O     . HOH E 3 .  ? 12.827  13.740  0.096  1.00 24.99 ? 244 HOH B O     1 
HETATM 507 O  O     . HOH E 3 .  ? 16.553  7.318   5.379  1.00 27.94 ? 245 HOH B O     1 
# 
loop_
_pdbx_poly_seq_scheme.asym_id 
_pdbx_poly_seq_scheme.entity_id 
_pdbx_poly_seq_scheme.seq_id 
_pdbx_poly_seq_scheme.mon_id 
_pdbx_poly_seq_scheme.ndb_seq_num 
_pdbx_poly_seq_scheme.pdb_seq_num 
_pdbx_poly_seq_scheme.auth_seq_num 
_pdbx_poly_seq_scheme.pdb_mon_id 
_pdbx_poly_seq_scheme.auth_mon_id 
_pdbx_poly_seq_scheme.pdb_strand_id 
_pdbx_poly_seq_scheme.pdb_ins_code 
_pdbx_poly_seq_scheme.hetero 
A 1 1  DC  1  1  1  DC  DC  A . n 
A 1 2  DC  2  2  2  DC  DC  A . n 
A 1 3  DG  3  3  3  DG  DG  A . n 
A 1 4  DG  4  4  4  DG  DG  A . n 
A 1 5  DC  5  5  5  DC  DC  A . n 
A 1 6  DG  6  6  6  DG  DG  A . n 
A 1 7  5HC 7  7  7  5HC 5HC A . n 
A 1 8  DC  8  8  8  DC  DC  A . n 
A 1 9  DG  9  9  9  DG  DG  A . n 
A 1 10 DG  10 10 10 DG  DG  A . n 
B 1 1  DC  1  11 11 DC  DC  B . n 
B 1 2  DC  2  12 12 DC  DC  B . n 
B 1 3  DG  3  13 13 DG  DG  B . n 
B 1 4  DG  4  14 14 DG  DG  B . n 
B 1 5  DC  5  15 15 DC  DC  B . n 
B 1 6  DG  6  16 16 DG  DG  B . n 
B 1 7  5HC 7  17 17 5HC 5HC B . n 
B 1 8  DC  8  18 18 DC  DC  B . n 
B 1 9  DG  9  19 19 DG  DG  B . n 
B 1 10 DG  10 20 20 DG  DG  B . n 
# 
loop_
_pdbx_nonpoly_scheme.asym_id 
_pdbx_nonpoly_scheme.entity_id 
_pdbx_nonpoly_scheme.mon_id 
_pdbx_nonpoly_scheme.ndb_seq_num 
_pdbx_nonpoly_scheme.pdb_seq_num 
_pdbx_nonpoly_scheme.auth_seq_num 
_pdbx_nonpoly_scheme.pdb_mon_id 
_pdbx_nonpoly_scheme.auth_mon_id 
_pdbx_nonpoly_scheme.pdb_strand_id 
_pdbx_nonpoly_scheme.pdb_ins_code 
C 2 CA  1  101 1  CA  CA  B . 
D 3 HOH 1  101 51 HOH HOH A . 
D 3 HOH 2  102 80 HOH HOH A . 
D 3 HOH 3  103 24 HOH HOH A . 
D 3 HOH 4  104 93 HOH HOH A . 
D 3 HOH 5  105 29 HOH HOH A . 
D 3 HOH 6  106 20 HOH HOH A . 
D 3 HOH 7  107 33 HOH HOH A . 
D 3 HOH 8  108 41 HOH HOH A . 
D 3 HOH 9  109 27 HOH HOH A . 
D 3 HOH 10 110 8  HOH HOH A . 
D 3 HOH 11 111 14 HOH HOH A . 
D 3 HOH 12 112 82 HOH HOH A . 
D 3 HOH 13 113 47 HOH HOH A . 
D 3 HOH 14 114 17 HOH HOH A . 
D 3 HOH 15 115 18 HOH HOH A . 
D 3 HOH 16 116 67 HOH HOH A . 
D 3 HOH 17 117 5  HOH HOH A . 
D 3 HOH 18 118 22 HOH HOH A . 
D 3 HOH 19 119 69 HOH HOH A . 
D 3 HOH 20 120 62 HOH HOH A . 
D 3 HOH 21 121 75 HOH HOH A . 
D 3 HOH 22 122 58 HOH HOH A . 
D 3 HOH 23 123 40 HOH HOH A . 
D 3 HOH 24 124 53 HOH HOH A . 
D 3 HOH 25 125 66 HOH HOH A . 
D 3 HOH 26 126 37 HOH HOH A . 
D 3 HOH 27 127 52 HOH HOH A . 
D 3 HOH 28 128 65 HOH HOH A . 
D 3 HOH 29 129 72 HOH HOH A . 
D 3 HOH 30 130 19 HOH HOH A . 
D 3 HOH 31 131 88 HOH HOH A . 
D 3 HOH 32 132 76 HOH HOH A . 
D 3 HOH 33 133 35 HOH HOH A . 
D 3 HOH 34 134 92 HOH HOH A . 
D 3 HOH 35 135 64 HOH HOH A . 
D 3 HOH 36 136 68 HOH HOH A . 
D 3 HOH 37 137 23 HOH HOH A . 
D 3 HOH 38 138 85 HOH HOH A . 
D 3 HOH 39 139 79 HOH HOH A . 
D 3 HOH 40 140 32 HOH HOH A . 
D 3 HOH 41 141 48 HOH HOH A . 
D 3 HOH 42 142 90 HOH HOH A . 
D 3 HOH 43 143 84 HOH HOH A . 
D 3 HOH 44 144 83 HOH HOH A . 
D 3 HOH 45 145 7  HOH HOH A . 
D 3 HOH 46 146 87 HOH HOH A . 
D 3 HOH 47 147 39 HOH HOH A . 
E 3 HOH 1  201 36 HOH HOH B . 
E 3 HOH 2  202 70 HOH HOH B . 
E 3 HOH 3  203 55 HOH HOH B . 
E 3 HOH 4  204 38 HOH HOH B . 
E 3 HOH 5  205 97 HOH HOH B . 
E 3 HOH 6  206 59 HOH HOH B . 
E 3 HOH 7  207 44 HOH HOH B . 
E 3 HOH 8  208 25 HOH HOH B . 
E 3 HOH 9  209 31 HOH HOH B . 
E 3 HOH 10 210 86 HOH HOH B . 
E 3 HOH 11 211 42 HOH HOH B . 
E 3 HOH 12 212 28 HOH HOH B . 
E 3 HOH 13 213 1  HOH HOH B . 
E 3 HOH 14 214 43 HOH HOH B . 
E 3 HOH 15 215 46 HOH HOH B . 
E 3 HOH 16 216 16 HOH HOH B . 
E 3 HOH 17 217 54 HOH HOH B . 
E 3 HOH 18 218 89 HOH HOH B . 
E 3 HOH 19 219 11 HOH HOH B . 
E 3 HOH 20 220 9  HOH HOH B . 
E 3 HOH 21 221 15 HOH HOH B . 
E 3 HOH 22 222 30 HOH HOH B . 
E 3 HOH 23 223 2  HOH HOH B . 
E 3 HOH 24 224 57 HOH HOH B . 
E 3 HOH 25 225 21 HOH HOH B . 
E 3 HOH 26 226 49 HOH HOH B . 
E 3 HOH 27 227 10 HOH HOH B . 
E 3 HOH 28 228 3  HOH HOH B . 
E 3 HOH 29 229 61 HOH HOH B . 
E 3 HOH 30 230 34 HOH HOH B . 
E 3 HOH 31 231 50 HOH HOH B . 
E 3 HOH 32 232 81 HOH HOH B . 
E 3 HOH 33 233 91 HOH HOH B . 
E 3 HOH 34 234 78 HOH HOH B . 
E 3 HOH 35 235 71 HOH HOH B . 
E 3 HOH 36 236 60 HOH HOH B . 
E 3 HOH 37 237 26 HOH HOH B . 
E 3 HOH 38 238 13 HOH HOH B . 
E 3 HOH 39 239 45 HOH HOH B . 
E 3 HOH 40 240 12 HOH HOH B . 
E 3 HOH 41 241 73 HOH HOH B . 
E 3 HOH 42 242 74 HOH HOH B . 
E 3 HOH 43 243 63 HOH HOH B . 
E 3 HOH 44 244 4  HOH HOH B . 
E 3 HOH 45 245 56 HOH HOH B . 
# 
_pdbx_struct_assembly.id                   1 
_pdbx_struct_assembly.details              author_and_software_defined_assembly 
_pdbx_struct_assembly.method_details       PISA 
_pdbx_struct_assembly.oligomeric_details   tetrameric 
_pdbx_struct_assembly.oligomeric_count     4 
# 
_pdbx_struct_assembly_gen.assembly_id       1 
_pdbx_struct_assembly_gen.oper_expression   1,2 
_pdbx_struct_assembly_gen.asym_id_list      A,B,C,D,E 
# 
loop_
_pdbx_struct_assembly_prop.biol_id 
_pdbx_struct_assembly_prop.type 
_pdbx_struct_assembly_prop.value 
_pdbx_struct_assembly_prop.details 
1 'ABSA (A^2)' 2790 ? 
1 MORE         -8   ? 
1 'SSA (A^2)'  6930 ? 
# 
loop_
_pdbx_struct_oper_list.id 
_pdbx_struct_oper_list.type 
_pdbx_struct_oper_list.name 
_pdbx_struct_oper_list.symmetry_operation 
_pdbx_struct_oper_list.matrix[1][1] 
_pdbx_struct_oper_list.matrix[1][2] 
_pdbx_struct_oper_list.matrix[1][3] 
_pdbx_struct_oper_list.vector[1] 
_pdbx_struct_oper_list.matrix[2][1] 
_pdbx_struct_oper_list.matrix[2][2] 
_pdbx_struct_oper_list.matrix[2][3] 
_pdbx_struct_oper_list.vector[2] 
_pdbx_struct_oper_list.matrix[3][1] 
_pdbx_struct_oper_list.matrix[3][2] 
_pdbx_struct_oper_list.matrix[3][3] 
_pdbx_struct_oper_list.vector[3] 
1 'identity operation'         1_555 x,y,z     1.0000000000  0.0000000000  0.0000000000  0.0000000000  0.0000000000  1.0000000000  0.0000000000 0.0000000000  0.0000000000  0.0000000000 1.0000000000 0.0000000000  
2 'crystal symmetry operation' 2_556 -x,y,-z+1 -0.7129150279 -0.2403985525 -0.6587569347 -4.2554799975 -0.2403985525 -0.7986956140 0.5516283641 12.6318728130 -0.6587569347 0.5516283641 0.5116106419 -6.4642481491 
# 
loop_
_pdbx_struct_conn_angle.id 
_pdbx_struct_conn_angle.ptnr1_label_atom_id 
_pdbx_struct_conn_angle.ptnr1_label_alt_id 
_pdbx_struct_conn_angle.ptnr1_label_asym_id 
_pdbx_struct_conn_angle.ptnr1_label_comp_id 
_pdbx_struct_conn_angle.ptnr1_label_seq_id 
_pdbx_struct_conn_angle.ptnr1_auth_atom_id 
_pdbx_struct_conn_angle.ptnr1_auth_asym_id 
_pdbx_struct_conn_angle.ptnr1_auth_comp_id 
_pdbx_struct_conn_angle.ptnr1_auth_seq_id 
_pdbx_struct_conn_angle.ptnr1_PDB_ins_code 
_pdbx_struct_conn_angle.ptnr1_symmetry 
_pdbx_struct_conn_angle.ptnr2_label_atom_id 
_pdbx_struct_conn_angle.ptnr2_label_alt_id 
_pdbx_struct_conn_angle.ptnr2_label_asym_id 
_pdbx_struct_conn_angle.ptnr2_label_comp_id 
_pdbx_struct_conn_angle.ptnr2_label_seq_id 
_pdbx_struct_conn_angle.ptnr2_auth_atom_id 
_pdbx_struct_conn_angle.ptnr2_auth_asym_id 
_pdbx_struct_conn_angle.ptnr2_auth_comp_id 
_pdbx_struct_conn_angle.ptnr2_auth_seq_id 
_pdbx_struct_conn_angle.ptnr2_PDB_ins_code 
_pdbx_struct_conn_angle.ptnr2_symmetry 
_pdbx_struct_conn_angle.ptnr3_label_atom_id 
_pdbx_struct_conn_angle.ptnr3_label_alt_id 
_pdbx_struct_conn_angle.ptnr3_label_asym_id 
_pdbx_struct_conn_angle.ptnr3_label_comp_id 
_pdbx_struct_conn_angle.ptnr3_label_seq_id 
_pdbx_struct_conn_angle.ptnr3_auth_atom_id 
_pdbx_struct_conn_angle.ptnr3_auth_asym_id 
_pdbx_struct_conn_angle.ptnr3_auth_comp_id 
_pdbx_struct_conn_angle.ptnr3_auth_seq_id 
_pdbx_struct_conn_angle.ptnr3_PDB_ins_code 
_pdbx_struct_conn_angle.ptnr3_symmetry 
_pdbx_struct_conn_angle.value 
_pdbx_struct_conn_angle.value_esd 
1  O ? D HOH . ? A HOH 125 ? 2_556 CA ? C CA . ? B CA 101 ? 1_555 O ? D HOH . ? A HOH 136 ? 2_556 76.3  ? 
2  O ? D HOH . ? A HOH 125 ? 2_556 CA ? C CA . ? B CA 101 ? 1_555 O ? D HOH . ? A HOH 147 ? 3_555 79.5  ? 
3  O ? D HOH . ? A HOH 136 ? 2_556 CA ? C CA . ? B CA 101 ? 1_555 O ? D HOH . ? A HOH 147 ? 3_555 109.4 ? 
4  O ? D HOH . ? A HOH 125 ? 2_556 CA ? C CA . ? B CA 101 ? 1_555 O ? E HOH . ? B HOH 216 ? 1_555 131.9 ? 
5  O ? D HOH . ? A HOH 136 ? 2_556 CA ? C CA . ? B CA 101 ? 1_555 O ? E HOH . ? B HOH 216 ? 1_555 76.8  ? 
6  O ? D HOH . ? A HOH 147 ? 3_555 CA ? C CA . ? B CA 101 ? 1_555 O ? E HOH . ? B HOH 216 ? 1_555 147.6 ? 
7  O ? D HOH . ? A HOH 125 ? 2_556 CA ? C CA . ? B CA 101 ? 1_555 O ? E HOH . ? B HOH 223 ? 1_555 74.3  ? 
8  O ? D HOH . ? A HOH 136 ? 2_556 CA ? C CA . ? B CA 101 ? 1_555 O ? E HOH . ? B HOH 223 ? 1_555 104.6 ? 
9  O ? D HOH . ? A HOH 147 ? 3_555 CA ? C CA . ? B CA 101 ? 1_555 O ? E HOH . ? B HOH 223 ? 1_555 130.1 ? 
10 O ? E HOH . ? B HOH 216 ? 1_555 CA ? C CA . ? B CA 101 ? 1_555 O ? E HOH . ? B HOH 223 ? 1_555 74.9  ? 
11 O ? D HOH . ? A HOH 125 ? 2_556 CA ? C CA . ? B CA 101 ? 1_555 O ? E HOH . ? B HOH 236 ? 1_555 110.9 ? 
12 O ? D HOH . ? A HOH 136 ? 2_556 CA ? C CA . ? B CA 101 ? 1_555 O ? E HOH . ? B HOH 236 ? 1_555 172.8 ? 
13 O ? D HOH . ? A HOH 147 ? 3_555 CA ? C CA . ? B CA 101 ? 1_555 O ? E HOH . ? B HOH 236 ? 1_555 73.8  ? 
14 O ? E HOH . ? B HOH 216 ? 1_555 CA ? C CA . ? B CA 101 ? 1_555 O ? E HOH . ? B HOH 236 ? 1_555 97.0  ? 
15 O ? E HOH . ? B HOH 223 ? 1_555 CA ? C CA . ? B CA 101 ? 1_555 O ? E HOH . ? B HOH 236 ? 1_555 77.0  ? 
16 O ? D HOH . ? A HOH 125 ? 2_556 CA ? C CA . ? B CA 101 ? 1_555 O ? E HOH . ? B HOH 237 ? 1_555 139.2 ? 
17 O ? D HOH . ? A HOH 136 ? 2_556 CA ? C CA . ? B CA 101 ? 1_555 O ? E HOH . ? B HOH 237 ? 1_555 83.9  ? 
18 O ? D HOH . ? A HOH 147 ? 3_555 CA ? C CA . ? B CA 101 ? 1_555 O ? E HOH . ? B HOH 237 ? 1_555 74.1  ? 
19 O ? E HOH . ? B HOH 216 ? 1_555 CA ? C CA . ? B CA 101 ? 1_555 O ? E HOH . ? B HOH 237 ? 1_555 75.1  ? 
20 O ? E HOH . ? B HOH 223 ? 1_555 CA ? C CA . ? B CA 101 ? 1_555 O ? E HOH . ? B HOH 237 ? 1_555 145.9 ? 
21 O ? E HOH . ? B HOH 236 ? 1_555 CA ? C CA . ? B CA 101 ? 1_555 O ? E HOH . ? B HOH 237 ? 1_555 90.9  ? 
22 O ? D HOH . ? A HOH 125 ? 2_556 CA ? C CA . ? B CA 101 ? 1_555 O ? E HOH . ? B HOH 243 ? 1_555 52.5  ? 
23 O ? D HOH . ? A HOH 136 ? 2_556 CA ? C CA . ? B CA 101 ? 1_555 O ? E HOH . ? B HOH 243 ? 1_555 128.2 ? 
24 O ? D HOH . ? A HOH 147 ? 3_555 CA ? C CA . ? B CA 101 ? 1_555 O ? E HOH . ? B HOH 243 ? 1_555 72.0  ? 
25 O ? E HOH . ? B HOH 216 ? 1_555 CA ? C CA . ? B CA 101 ? 1_555 O ? E HOH . ? B HOH 243 ? 1_555 130.2 ? 
26 O ? E HOH . ? B HOH 223 ? 1_555 CA ? C CA . ? B CA 101 ? 1_555 O ? E HOH . ? B HOH 243 ? 1_555 58.3  ? 
27 O ? E HOH . ? B HOH 236 ? 1_555 CA ? C CA . ? B CA 101 ? 1_555 O ? E HOH . ? B HOH 243 ? 1_555 58.8  ? 
28 O ? E HOH . ? B HOH 237 ? 1_555 CA ? C CA . ? B CA 101 ? 1_555 O ? E HOH . ? B HOH 243 ? 1_555 139.5 ? 
# 
loop_
_pdbx_audit_revision_history.ordinal 
_pdbx_audit_revision_history.data_content_type 
_pdbx_audit_revision_history.major_revision 
_pdbx_audit_revision_history.minor_revision 
_pdbx_audit_revision_history.revision_date 
1 'Structure model' 1 0 2016-09-28 
2 'Structure model' 1 1 2016-10-05 
3 'Structure model' 1 2 2016-10-19 
4 'Structure model' 1 3 2017-02-01 
5 'Structure model' 1 4 2017-09-06 
6 'Structure model' 1 5 2018-03-07 
7 'Structure model' 1 6 2019-12-25 
8 'Structure model' 1 7 2023-09-27 
# 
_pdbx_audit_revision_details.ordinal             1 
_pdbx_audit_revision_details.revision_ordinal    1 
_pdbx_audit_revision_details.data_content_type   'Structure model' 
_pdbx_audit_revision_details.provider            repository 
_pdbx_audit_revision_details.type                'Initial release' 
_pdbx_audit_revision_details.description         ? 
_pdbx_audit_revision_details.details             ? 
# 
loop_
_pdbx_audit_revision_group.ordinal 
_pdbx_audit_revision_group.revision_ordinal 
_pdbx_audit_revision_group.data_content_type 
_pdbx_audit_revision_group.group 
1  2 'Structure model' 'Database references'        
2  3 'Structure model' 'Database references'        
3  4 'Structure model' 'Database references'        
4  5 'Structure model' 'Author supporting evidence' 
5  6 'Structure model' 'Data collection'            
6  7 'Structure model' 'Author supporting evidence' 
7  8 'Structure model' 'Data collection'            
8  8 'Structure model' 'Database references'        
9  8 'Structure model' 'Derived calculations'       
10 8 'Structure model' 'Refinement description'     
# 
loop_
_pdbx_audit_revision_category.ordinal 
_pdbx_audit_revision_category.revision_ordinal 
_pdbx_audit_revision_category.data_content_type 
_pdbx_audit_revision_category.category 
1 5 'Structure model' pdbx_audit_support            
2 6 'Structure model' diffrn_source                 
3 7 'Structure model' pdbx_audit_support            
4 8 'Structure model' chem_comp_atom                
5 8 'Structure model' chem_comp_bond                
6 8 'Structure model' database_2                    
7 8 'Structure model' pdbx_initial_refinement_model 
8 8 'Structure model' pdbx_struct_conn_angle        
9 8 'Structure model' struct_conn                   
# 
loop_
_pdbx_audit_revision_item.ordinal 
_pdbx_audit_revision_item.revision_ordinal 
_pdbx_audit_revision_item.data_content_type 
_pdbx_audit_revision_item.item 
1  5 'Structure model' '_pdbx_audit_support.funding_organization'    
2  6 'Structure model' '_diffrn_source.source'                       
3  7 'Structure model' '_pdbx_audit_support.funding_organization'    
4  8 'Structure model' '_database_2.pdbx_DOI'                        
5  8 'Structure model' '_database_2.pdbx_database_accession'         
6  8 'Structure model' '_pdbx_struct_conn_angle.ptnr1_auth_asym_id'  
7  8 'Structure model' '_pdbx_struct_conn_angle.ptnr1_auth_seq_id'   
8  8 'Structure model' '_pdbx_struct_conn_angle.ptnr1_label_asym_id' 
9  8 'Structure model' '_pdbx_struct_conn_angle.ptnr1_symmetry'      
10 8 'Structure model' '_pdbx_struct_conn_angle.ptnr3_auth_asym_id'  
11 8 'Structure model' '_pdbx_struct_conn_angle.ptnr3_auth_seq_id'   
12 8 'Structure model' '_pdbx_struct_conn_angle.ptnr3_label_asym_id' 
13 8 'Structure model' '_pdbx_struct_conn_angle.ptnr3_symmetry'      
14 8 'Structure model' '_pdbx_struct_conn_angle.value'               
15 8 'Structure model' '_struct_conn.pdbx_dist_value'                
16 8 'Structure model' '_struct_conn.ptnr1_auth_asym_id'             
17 8 'Structure model' '_struct_conn.ptnr1_auth_comp_id'             
18 8 'Structure model' '_struct_conn.ptnr1_auth_seq_id'              
19 8 'Structure model' '_struct_conn.ptnr1_label_asym_id'            
20 8 'Structure model' '_struct_conn.ptnr1_label_atom_id'            
21 8 'Structure model' '_struct_conn.ptnr1_label_comp_id'            
22 8 'Structure model' '_struct_conn.ptnr1_symmetry'                 
23 8 'Structure model' '_struct_conn.ptnr2_auth_asym_id'             
24 8 'Structure model' '_struct_conn.ptnr2_auth_comp_id'             
25 8 'Structure model' '_struct_conn.ptnr2_auth_seq_id'              
26 8 'Structure model' '_struct_conn.ptnr2_label_asym_id'            
27 8 'Structure model' '_struct_conn.ptnr2_label_atom_id'            
28 8 'Structure model' '_struct_conn.ptnr2_label_comp_id'            
29 8 'Structure model' '_struct_conn.ptnr2_symmetry'                 
# 
loop_
_software.citation_id 
_software.classification 
_software.compiler_name 
_software.compiler_version 
_software.contact_author 
_software.contact_author_email 
_software.date 
_software.description 
_software.dependencies 
_software.hardware 
_software.language 
_software.location 
_software.mods 
_software.name 
_software.os 
_software.os_version 
_software.type 
_software.version 
_software.pdbx_ordinal 
? 'data scaling'    ? ? ? ? ? ? ? ? ? ? ? HKL-2000    ? ? ? .    1 
? refinement        ? ? ? ? ? ? ? ? ? ? ? PHENIX      ? ? ? .    2 
? 'data extraction' ? ? ? ? ? ? ? ? ? ? ? PDB_EXTRACT ? ? ? 3.15 3 
? phasing           ? ? ? ? ? ? ? ? ? ? ? PHENIX      ? ? ? .    4 
? 'data reduction'  ? ? ? ? ? ? ? ? ? ? ? HKL-2000    ? ? ? .    5 
# 
loop_
_pdbx_validate_close_contact.id 
_pdbx_validate_close_contact.PDB_model_num 
_pdbx_validate_close_contact.auth_atom_id_1 
_pdbx_validate_close_contact.auth_asym_id_1 
_pdbx_validate_close_contact.auth_comp_id_1 
_pdbx_validate_close_contact.auth_seq_id_1 
_pdbx_validate_close_contact.PDB_ins_code_1 
_pdbx_validate_close_contact.label_alt_id_1 
_pdbx_validate_close_contact.auth_atom_id_2 
_pdbx_validate_close_contact.auth_asym_id_2 
_pdbx_validate_close_contact.auth_comp_id_2 
_pdbx_validate_close_contact.auth_seq_id_2 
_pdbx_validate_close_contact.PDB_ins_code_2 
_pdbx_validate_close_contact.label_alt_id_2 
_pdbx_validate_close_contact.dist 
1 1 O   A HOH 125 ? ? O A HOH 135 ? ? 2.15 
2 1 OP1 B DG  19  ? B O B HOH 201 ? ? 2.18 
# 
loop_
_pdbx_validate_symm_contact.id 
_pdbx_validate_symm_contact.PDB_model_num 
_pdbx_validate_symm_contact.auth_atom_id_1 
_pdbx_validate_symm_contact.auth_asym_id_1 
_pdbx_validate_symm_contact.auth_comp_id_1 
_pdbx_validate_symm_contact.auth_seq_id_1 
_pdbx_validate_symm_contact.PDB_ins_code_1 
_pdbx_validate_symm_contact.label_alt_id_1 
_pdbx_validate_symm_contact.site_symmetry_1 
_pdbx_validate_symm_contact.auth_atom_id_2 
_pdbx_validate_symm_contact.auth_asym_id_2 
_pdbx_validate_symm_contact.auth_comp_id_2 
_pdbx_validate_symm_contact.auth_seq_id_2 
_pdbx_validate_symm_contact.PDB_ins_code_2 
_pdbx_validate_symm_contact.label_alt_id_2 
_pdbx_validate_symm_contact.site_symmetry_2 
_pdbx_validate_symm_contact.dist 
1 1 O A HOH 125 ? ? 1_555 O B HOH 243 ? ? 2_556 2.03 
2 1 O A HOH 131 ? ? 1_555 O A HOH 143 ? ? 4_455 2.19 
# 
loop_
_chem_comp_atom.comp_id 
_chem_comp_atom.atom_id 
_chem_comp_atom.type_symbol 
_chem_comp_atom.pdbx_aromatic_flag 
_chem_comp_atom.pdbx_stereo_config 
_chem_comp_atom.pdbx_ordinal 
5HC P      P  N N 1   
5HC OP1    O  N N 2   
5HC OP2    O  N N 3   
5HC "O5'"  O  N N 4   
5HC "C5'"  C  N N 5   
5HC "C4'"  C  N R 6   
5HC "O4'"  O  N N 7   
5HC "C3'"  C  N S 8   
5HC "O3'"  O  N N 9   
5HC "C2'"  C  N N 10  
5HC "C1'"  C  N R 11  
5HC N1     N  N N 12  
5HC C2     C  N N 13  
5HC O2     O  N N 14  
5HC N3     N  N N 15  
5HC C4     C  N N 16  
5HC N4     N  N N 17  
5HC C5     C  N N 18  
5HC C5M    C  N N 19  
5HC O5     O  N N 20  
5HC C6     C  N N 21  
5HC OP3    O  N N 22  
5HC HOP2   H  N N 23  
5HC "H5'"  H  N N 24  
5HC "H5''" H  N N 25  
5HC H4     H  N N 26  
5HC "H3'"  H  N N 27  
5HC "HO3'" H  N N 28  
5HC "H2'"  H  N N 29  
5HC "H2''" H  N N 30  
5HC "H1'"  H  N N 31  
5HC HN41   H  N N 32  
5HC HN42   H  N N 33  
5HC H5M2   H  N N 34  
5HC H5M1   H  N N 35  
5HC HO5    H  N N 36  
5HC H6     H  N N 37  
5HC HOP3   H  N N 38  
CA  CA     CA N N 39  
DC  OP3    O  N N 40  
DC  P      P  N N 41  
DC  OP1    O  N N 42  
DC  OP2    O  N N 43  
DC  "O5'"  O  N N 44  
DC  "C5'"  C  N N 45  
DC  "C4'"  C  N R 46  
DC  "O4'"  O  N N 47  
DC  "C3'"  C  N S 48  
DC  "O3'"  O  N N 49  
DC  "C2'"  C  N N 50  
DC  "C1'"  C  N R 51  
DC  N1     N  N N 52  
DC  C2     C  N N 53  
DC  O2     O  N N 54  
DC  N3     N  N N 55  
DC  C4     C  N N 56  
DC  N4     N  N N 57  
DC  C5     C  N N 58  
DC  C6     C  N N 59  
DC  HOP3   H  N N 60  
DC  HOP2   H  N N 61  
DC  "H5'"  H  N N 62  
DC  "H5''" H  N N 63  
DC  "H4'"  H  N N 64  
DC  "H3'"  H  N N 65  
DC  "HO3'" H  N N 66  
DC  "H2'"  H  N N 67  
DC  "H2''" H  N N 68  
DC  "H1'"  H  N N 69  
DC  H41    H  N N 70  
DC  H42    H  N N 71  
DC  H5     H  N N 72  
DC  H6     H  N N 73  
DG  OP3    O  N N 74  
DG  P      P  N N 75  
DG  OP1    O  N N 76  
DG  OP2    O  N N 77  
DG  "O5'"  O  N N 78  
DG  "C5'"  C  N N 79  
DG  "C4'"  C  N R 80  
DG  "O4'"  O  N N 81  
DG  "C3'"  C  N S 82  
DG  "O3'"  O  N N 83  
DG  "C2'"  C  N N 84  
DG  "C1'"  C  N R 85  
DG  N9     N  Y N 86  
DG  C8     C  Y N 87  
DG  N7     N  Y N 88  
DG  C5     C  Y N 89  
DG  C6     C  N N 90  
DG  O6     O  N N 91  
DG  N1     N  N N 92  
DG  C2     C  N N 93  
DG  N2     N  N N 94  
DG  N3     N  N N 95  
DG  C4     C  Y N 96  
DG  HOP3   H  N N 97  
DG  HOP2   H  N N 98  
DG  "H5'"  H  N N 99  
DG  "H5''" H  N N 100 
DG  "H4'"  H  N N 101 
DG  "H3'"  H  N N 102 
DG  "HO3'" H  N N 103 
DG  "H2'"  H  N N 104 
DG  "H2''" H  N N 105 
DG  "H1'"  H  N N 106 
DG  H8     H  N N 107 
DG  H1     H  N N 108 
DG  H21    H  N N 109 
DG  H22    H  N N 110 
HOH O      O  N N 111 
HOH H1     H  N N 112 
HOH H2     H  N N 113 
# 
loop_
_chem_comp_bond.comp_id 
_chem_comp_bond.atom_id_1 
_chem_comp_bond.atom_id_2 
_chem_comp_bond.value_order 
_chem_comp_bond.pdbx_aromatic_flag 
_chem_comp_bond.pdbx_stereo_config 
_chem_comp_bond.pdbx_ordinal 
5HC "O4'" "C4'"  sing N N 1   
5HC "O4'" "C1'"  sing N N 2   
5HC "C4'" "C5'"  sing N N 3   
5HC "C4'" "C3'"  sing N N 4   
5HC O2    C2     doub N N 5   
5HC "C1'" N1     sing N N 6   
5HC "C1'" "C2'"  sing N N 7   
5HC "C5'" "O5'"  sing N N 8   
5HC C2    N1     sing N N 9   
5HC C2    N3     sing N N 10  
5HC N1    C6     sing N N 11  
5HC N3    C4     doub N N 12  
5HC "O5'" P      sing N N 13  
5HC "C2'" "C3'"  sing N N 14  
5HC C6    C5     doub N N 15  
5HC "C3'" "O3'"  sing N N 16  
5HC P     OP1    doub N N 17  
5HC P     OP2    sing N N 18  
5HC C4    C5     sing N N 19  
5HC C4    N4     sing N N 20  
5HC C5    C5M    sing N N 21  
5HC C5M   O5     sing N N 22  
5HC P     OP3    sing N N 23  
5HC OP2   HOP2   sing N N 24  
5HC "C5'" "H5'"  sing N N 25  
5HC "C5'" "H5''" sing N N 26  
5HC "C4'" H4     sing N N 27  
5HC "C3'" "H3'"  sing N N 28  
5HC "O3'" "HO3'" sing N N 29  
5HC "C2'" "H2'"  sing N N 30  
5HC "C2'" "H2''" sing N N 31  
5HC "C1'" "H1'"  sing N N 32  
5HC N4    HN41   sing N N 33  
5HC N4    HN42   sing N N 34  
5HC C5M   H5M2   sing N N 35  
5HC C5M   H5M1   sing N N 36  
5HC O5    HO5    sing N N 37  
5HC C6    H6     sing N N 38  
5HC OP3   HOP3   sing N N 39  
DC  OP3   P      sing N N 40  
DC  OP3   HOP3   sing N N 41  
DC  P     OP1    doub N N 42  
DC  P     OP2    sing N N 43  
DC  P     "O5'"  sing N N 44  
DC  OP2   HOP2   sing N N 45  
DC  "O5'" "C5'"  sing N N 46  
DC  "C5'" "C4'"  sing N N 47  
DC  "C5'" "H5'"  sing N N 48  
DC  "C5'" "H5''" sing N N 49  
DC  "C4'" "O4'"  sing N N 50  
DC  "C4'" "C3'"  sing N N 51  
DC  "C4'" "H4'"  sing N N 52  
DC  "O4'" "C1'"  sing N N 53  
DC  "C3'" "O3'"  sing N N 54  
DC  "C3'" "C2'"  sing N N 55  
DC  "C3'" "H3'"  sing N N 56  
DC  "O3'" "HO3'" sing N N 57  
DC  "C2'" "C1'"  sing N N 58  
DC  "C2'" "H2'"  sing N N 59  
DC  "C2'" "H2''" sing N N 60  
DC  "C1'" N1     sing N N 61  
DC  "C1'" "H1'"  sing N N 62  
DC  N1    C2     sing N N 63  
DC  N1    C6     sing N N 64  
DC  C2    O2     doub N N 65  
DC  C2    N3     sing N N 66  
DC  N3    C4     doub N N 67  
DC  C4    N4     sing N N 68  
DC  C4    C5     sing N N 69  
DC  N4    H41    sing N N 70  
DC  N4    H42    sing N N 71  
DC  C5    C6     doub N N 72  
DC  C5    H5     sing N N 73  
DC  C6    H6     sing N N 74  
DG  OP3   P      sing N N 75  
DG  OP3   HOP3   sing N N 76  
DG  P     OP1    doub N N 77  
DG  P     OP2    sing N N 78  
DG  P     "O5'"  sing N N 79  
DG  OP2   HOP2   sing N N 80  
DG  "O5'" "C5'"  sing N N 81  
DG  "C5'" "C4'"  sing N N 82  
DG  "C5'" "H5'"  sing N N 83  
DG  "C5'" "H5''" sing N N 84  
DG  "C4'" "O4'"  sing N N 85  
DG  "C4'" "C3'"  sing N N 86  
DG  "C4'" "H4'"  sing N N 87  
DG  "O4'" "C1'"  sing N N 88  
DG  "C3'" "O3'"  sing N N 89  
DG  "C3'" "C2'"  sing N N 90  
DG  "C3'" "H3'"  sing N N 91  
DG  "O3'" "HO3'" sing N N 92  
DG  "C2'" "C1'"  sing N N 93  
DG  "C2'" "H2'"  sing N N 94  
DG  "C2'" "H2''" sing N N 95  
DG  "C1'" N9     sing N N 96  
DG  "C1'" "H1'"  sing N N 97  
DG  N9    C8     sing Y N 98  
DG  N9    C4     sing Y N 99  
DG  C8    N7     doub Y N 100 
DG  C8    H8     sing N N 101 
DG  N7    C5     sing Y N 102 
DG  C5    C6     sing N N 103 
DG  C5    C4     doub Y N 104 
DG  C6    O6     doub N N 105 
DG  C6    N1     sing N N 106 
DG  N1    C2     sing N N 107 
DG  N1    H1     sing N N 108 
DG  C2    N2     sing N N 109 
DG  C2    N3     doub N N 110 
DG  N2    H21    sing N N 111 
DG  N2    H22    sing N N 112 
DG  N3    C4     sing N N 113 
HOH O     H1     sing N N 114 
HOH O     H2     sing N N 115 
# 
_ndb_struct_conf_na.entry_id   5DSB 
_ndb_struct_conf_na.feature    'b-form double helix' 
# 
loop_
_ndb_struct_na_base_pair.model_number 
_ndb_struct_na_base_pair.i_label_asym_id 
_ndb_struct_na_base_pair.i_label_comp_id 
_ndb_struct_na_base_pair.i_label_seq_id 
_ndb_struct_na_base_pair.i_symmetry 
_ndb_struct_na_base_pair.j_label_asym_id 
_ndb_struct_na_base_pair.j_label_comp_id 
_ndb_struct_na_base_pair.j_label_seq_id 
_ndb_struct_na_base_pair.j_symmetry 
_ndb_struct_na_base_pair.shear 
_ndb_struct_na_base_pair.stretch 
_ndb_struct_na_base_pair.stagger 
_ndb_struct_na_base_pair.buckle 
_ndb_struct_na_base_pair.propeller 
_ndb_struct_na_base_pair.opening 
_ndb_struct_na_base_pair.pair_number 
_ndb_struct_na_base_pair.pair_name 
_ndb_struct_na_base_pair.i_auth_asym_id 
_ndb_struct_na_base_pair.i_auth_seq_id 
_ndb_struct_na_base_pair.i_PDB_ins_code 
_ndb_struct_na_base_pair.j_auth_asym_id 
_ndb_struct_na_base_pair.j_auth_seq_id 
_ndb_struct_na_base_pair.j_PDB_ins_code 
_ndb_struct_na_base_pair.hbond_type_28 
_ndb_struct_na_base_pair.hbond_type_12 
1 A DC 1 1_555 B DG  10 1_555 0.199  -0.202 0.214 -3.819 -15.006 0.894  1 A_DC1:DG20_B  A 1 ? B 20 ? 19 1 
1 A DC 2 1_555 B DG  9  1_555 0.149  -0.048 0.421 -2.103 -4.924  -0.477 2 A_DC2:DG19_B  A 2 ? B 19 ? 19 1 
1 A DG 3 1_555 B DC  8  1_555 -0.370 -0.201 0.400 0.341  0.786   -1.185 3 A_DG3:DC18_B  A 3 ? B 18 ? 19 1 
1 A DG 4 1_555 B 5HC 7  1_555 -0.406 0.033  0.724 8.442  -15.879 1.813  4 A_DG4:5HC17_B A 4 ? B 17 ? 19 1 
1 A DC 5 1_555 B DG  6  1_555 -0.416 -0.078 0.361 -1.789 -15.394 -3.236 5 A_DC5:DG16_B  A 5 ? B 16 ? 19 1 
1 A DG 6 1_555 B DC  5  1_555 -0.081 -0.124 0.185 4.015  -8.534  -2.280 6 A_DG6:DC15_B  A 6 ? B 15 ? 19 1 
# 
loop_
_ndb_struct_na_base_pair_step.model_number 
_ndb_struct_na_base_pair_step.i_label_asym_id_1 
_ndb_struct_na_base_pair_step.i_label_comp_id_1 
_ndb_struct_na_base_pair_step.i_label_seq_id_1 
_ndb_struct_na_base_pair_step.i_symmetry_1 
_ndb_struct_na_base_pair_step.j_label_asym_id_1 
_ndb_struct_na_base_pair_step.j_label_comp_id_1 
_ndb_struct_na_base_pair_step.j_label_seq_id_1 
_ndb_struct_na_base_pair_step.j_symmetry_1 
_ndb_struct_na_base_pair_step.i_label_asym_id_2 
_ndb_struct_na_base_pair_step.i_label_comp_id_2 
_ndb_struct_na_base_pair_step.i_label_seq_id_2 
_ndb_struct_na_base_pair_step.i_symmetry_2 
_ndb_struct_na_base_pair_step.j_label_asym_id_2 
_ndb_struct_na_base_pair_step.j_label_comp_id_2 
_ndb_struct_na_base_pair_step.j_label_seq_id_2 
_ndb_struct_na_base_pair_step.j_symmetry_2 
_ndb_struct_na_base_pair_step.shift 
_ndb_struct_na_base_pair_step.slide 
_ndb_struct_na_base_pair_step.rise 
_ndb_struct_na_base_pair_step.tilt 
_ndb_struct_na_base_pair_step.roll 
_ndb_struct_na_base_pair_step.twist 
_ndb_struct_na_base_pair_step.x_displacement 
_ndb_struct_na_base_pair_step.y_displacement 
_ndb_struct_na_base_pair_step.helical_rise 
_ndb_struct_na_base_pair_step.inclination 
_ndb_struct_na_base_pair_step.tip 
_ndb_struct_na_base_pair_step.helical_twist 
_ndb_struct_na_base_pair_step.step_number 
_ndb_struct_na_base_pair_step.step_name 
_ndb_struct_na_base_pair_step.i_auth_asym_id_1 
_ndb_struct_na_base_pair_step.i_auth_seq_id_1 
_ndb_struct_na_base_pair_step.i_PDB_ins_code_1 
_ndb_struct_na_base_pair_step.j_auth_asym_id_1 
_ndb_struct_na_base_pair_step.j_auth_seq_id_1 
_ndb_struct_na_base_pair_step.j_PDB_ins_code_1 
_ndb_struct_na_base_pair_step.i_auth_asym_id_2 
_ndb_struct_na_base_pair_step.i_auth_seq_id_2 
_ndb_struct_na_base_pair_step.i_PDB_ins_code_2 
_ndb_struct_na_base_pair_step.j_auth_asym_id_2 
_ndb_struct_na_base_pair_step.j_auth_seq_id_2 
_ndb_struct_na_base_pair_step.j_PDB_ins_code_2 
1 A DC 1 1_555 B DG  10 1_555 A DC 2 1_555 B DG  9 1_555 0.325  2.307  3.615 3.431  3.206  41.127 2.875  -0.043 3.790 4.545  
-4.864 41.382 1 AA_DC1DC2:DG19DG20_BB  A 1 ? B 20 ? A 2 ? B 19 ? 
1 A DC 2 1_555 B DG  9  1_555 A DG 3 1_555 B DC  8 1_555 0.094  2.601  3.339 -0.169 -4.453 36.186 4.759  -0.174 3.008 -7.135 0.270 
36.451 2 AA_DC2DG3:DC18DG19_BB  A 2 ? B 19 ? A 3 ? B 18 ? 
1 A DG 3 1_555 B DC  8  1_555 A DG 4 1_555 B 5HC 7 1_555 -0.246 1.520  3.381 -6.020 3.411  37.234 1.879  -0.440 3.498 5.286  9.330 
37.849 3 AA_DG3DG4:5HC17DC18_BB A 3 ? B 18 ? A 4 ? B 17 ? 
1 A DG 4 1_555 B 5HC 7  1_555 A DC 5 1_555 B DG  6 1_555 -0.847 -0.233 3.611 1.703  -1.903 32.022 -0.046 1.867  3.569 -3.443 
-3.082 32.121 4 AA_DG4DC5:DG165HC17_BB A 4 ? B 17 ? A 5 ? B 16 ? 
1 A DC 5 1_555 B DG  6  1_555 A DG 6 1_555 B DC  5 1_555 0.309  0.779  3.245 0.694  3.324  40.026 0.756  -0.371 3.301 4.846  
-1.011 40.164 5 AA_DC5DG6:DC15DG16_BB  A 5 ? B 16 ? A 6 ? B 15 ? 
# 
_pdbx_audit_support.funding_organization   
'National Institutes of Health/National Institute of General Medical Sciences (NIH/NIGMS)' 
_pdbx_audit_support.country                'United States' 
_pdbx_audit_support.grant_number           1F31GM1132580-01 
_pdbx_audit_support.ordinal                1 
# 
loop_
_pdbx_entity_nonpoly.entity_id 
_pdbx_entity_nonpoly.name 
_pdbx_entity_nonpoly.comp_id 
2 'CALCIUM ION' CA  
3 water         HOH 
# 
_pdbx_initial_refinement_model.id               1 
_pdbx_initial_refinement_model.entity_id_list   ? 
_pdbx_initial_refinement_model.type             'experimental model' 
_pdbx_initial_refinement_model.source_name      PDB 
_pdbx_initial_refinement_model.accession_code   1P4Y 
_pdbx_initial_refinement_model.details          ? 
# 
